data_7LUT
#
_entry.id   7LUT
#
_cell.length_a   182.412
_cell.length_b   61.086
_cell.length_c   67.063
_cell.angle_alpha   90.000
_cell.angle_beta   94.860
_cell.angle_gamma   90.000
#
_symmetry.space_group_name_H-M   'C 1 2 1'
#
loop_
_entity.id
_entity.type
_entity.pdbx_description
1 polymer 'Tryptophan synthase alpha chain'
2 polymer 'Tryptophan synthase beta chain'
3 non-polymer 'DIMETHYL SULFOXIDE'
4 non-polymer 1,2-ETHANEDIOL
5 non-polymer 'CESIUM ION'
6 non-polymer 'CHLORIDE ION'
7 non-polymer "PYRIDOXAL-5'-PHOSPHATE"
8 non-polymer DI(HYDROXYETHYL)ETHER
9 non-polymer TRYPTOPHAN
10 water water
#
loop_
_entity_poly.entity_id
_entity_poly.type
_entity_poly.pdbx_seq_one_letter_code
_entity_poly.pdbx_strand_id
1 'polypeptide(L)'
;MERYENLFAQLNDRREGAFVPFVTLGDPGIEQSLKIIDTLIDAGADALELGVPFSDPLADGPTIQNANLRAFAAGVTPAQ
CFEMLALIREKHPTIPIGLLMYANLVFNNGIDAFYARCEQVGVDSVLVADVPVEESAPFRQAALRHNIAPIFICPPNADD
DLLRQVASYGRGYTYLLSRSGVTGAENRGALPLHHLIEKLKEYHAAPALQGFGISSPEQVSAAVRAGAAGAISGSAIVKI
IEKNLASPKQMLAELRSFVSAMKAASRA
;
A
2 'polypeptide(L)'
;MTTLLNPYFGEFGGMYVPQILMPALNQLEEAFVSAQKDPEFQAQFADLLKNYAGRPTALTKCQNITAGTRTTLYLKREDL
LHGGAHKTNQVLGQALLAKRMGKSEIIAETGAGQHGVASALASALLGLKCRIYMGAKDVERQSPNVFRMRLMGAEVIPVH
SGSATLKDACNEALRDWSGSYETAHYMLGTAAGPHPYPTIVREFQRMIGEETKAQILDKEGRLPDAVIACVGGGSNAIGM
FADFINDTSVGLIGVEPGGHGIETGEHGAPLKHGRVGIYFGMKAPMMQTADGQIEESYSISAGLDFPSVGPQHAYLNSIG
RADYVSITDDEALEAFKTLCRHEGIIPALESSHALAHALKMMREQPEKEQLLVVNLSGRGDKDIFTVHDILKARGEI
;
B
#
loop_
_chem_comp.id
_chem_comp.type
_chem_comp.name
_chem_comp.formula
CL non-polymer 'CHLORIDE ION' 'Cl -1'
CS non-polymer 'CESIUM ION' 'Cs 1'
DMS non-polymer 'DIMETHYL SULFOXIDE' 'C2 H6 O S'
EDO non-polymer 1,2-ETHANEDIOL 'C2 H6 O2'
PEG non-polymer DI(HYDROXYETHYL)ETHER 'C4 H10 O3'
PLP non-polymer PYRIDOXAL-5'-PHOSPHATE 'C8 H10 N O6 P'
#
# COMPACT_ATOMS: atom_id res chain seq x y z
N MET A 1 -3.78 24.02 19.01
CA MET A 1 -3.12 24.86 17.99
C MET A 1 -2.68 26.19 18.57
N GLU A 2 -3.28 26.62 19.70
CA GLU A 2 -2.97 27.90 20.32
C GLU A 2 -1.51 28.01 20.75
N ARG A 3 -0.88 26.91 21.18
CA ARG A 3 0.53 26.96 21.53
C ARG A 3 1.37 27.42 20.34
N TYR A 4 0.95 27.08 19.10
CA TYR A 4 1.69 27.49 17.92
C TYR A 4 1.52 28.99 17.69
N GLU A 5 0.29 29.47 17.88
CA GLU A 5 -0.01 30.88 17.69
C GLU A 5 0.87 31.69 18.64
N ASN A 6 0.95 31.25 19.90
CA ASN A 6 1.74 31.91 20.93
C ASN A 6 3.23 31.86 20.57
N LEU A 7 3.68 30.70 20.09
CA LEU A 7 5.08 30.56 19.75
C LEU A 7 5.47 31.53 18.64
N PHE A 8 4.67 31.54 17.56
CA PHE A 8 5.04 32.32 16.39
C PHE A 8 4.96 33.82 16.71
N ALA A 9 4.06 34.19 17.64
CA ALA A 9 3.97 35.58 18.05
C ALA A 9 5.22 35.98 18.81
N GLN A 10 5.67 35.11 19.72
CA GLN A 10 6.89 35.34 20.46
C GLN A 10 8.08 35.47 19.51
N LEU A 11 8.22 34.52 18.57
CA LEU A 11 9.34 34.56 17.63
C LEU A 11 9.28 35.80 16.75
N ASN A 12 8.06 36.17 16.30
CA ASN A 12 7.94 37.32 15.43
C ASN A 12 8.47 38.56 16.15
N ASP A 13 8.17 38.68 17.45
CA ASP A 13 8.60 39.83 18.24
C ASP A 13 10.13 39.87 18.38
N ARG A 14 10.78 38.71 18.25
CA ARG A 14 12.23 38.65 18.40
C ARG A 14 12.92 38.58 17.02
N ARG A 15 12.12 38.69 15.95
CA ARG A 15 12.59 38.51 14.58
C ARG A 15 13.40 37.21 14.47
N GLU A 16 12.82 36.13 14.95
CA GLU A 16 13.56 34.87 15.05
C GLU A 16 12.81 33.75 14.33
N GLY A 17 13.56 32.80 13.77
CA GLY A 17 12.88 31.64 13.19
C GLY A 17 12.67 30.54 14.22
N ALA A 18 11.73 29.63 13.93
CA ALA A 18 11.53 28.46 14.76
C ALA A 18 12.47 27.35 14.31
N PHE A 19 12.95 26.54 15.26
CA PHE A 19 13.65 25.33 14.89
C PHE A 19 12.93 24.15 15.54
N VAL A 20 12.53 23.17 14.71
CA VAL A 20 11.68 22.08 15.17
C VAL A 20 12.33 20.75 14.81
N PRO A 21 12.87 19.97 15.78
CA PRO A 21 13.36 18.63 15.49
C PRO A 21 12.24 17.59 15.43
N PHE A 22 12.42 16.58 14.55
CA PHE A 22 11.64 15.35 14.56
C PHE A 22 12.41 14.25 15.28
N VAL A 23 11.69 13.49 16.12
CA VAL A 23 12.15 12.18 16.56
C VAL A 23 10.99 11.19 16.58
N THR A 24 11.34 9.91 16.43
CA THR A 24 10.43 8.80 16.66
C THR A 24 10.31 8.53 18.15
N LEU A 25 9.08 8.51 18.68
CA LEU A 25 8.91 8.20 20.11
C LEU A 25 9.33 6.76 20.40
N GLY A 26 10.08 6.59 21.49
CA GLY A 26 10.47 5.24 21.89
C GLY A 26 11.74 4.74 21.19
N ASP A 27 12.39 5.57 20.37
CA ASP A 27 13.63 5.20 19.69
C ASP A 27 14.76 5.80 20.52
N PRO A 28 15.74 5.03 21.03
CA PRO A 28 15.80 3.58 20.86
C PRO A 28 15.16 2.74 21.96
N GLY A 29 14.70 3.40 23.03
CA GLY A 29 13.82 2.83 24.02
C GLY A 29 13.02 3.96 24.69
N ILE A 30 12.06 3.61 25.53
CA ILE A 30 11.22 4.66 26.10
C ILE A 30 12.04 5.61 26.97
N GLU A 31 12.83 5.03 27.90
CA GLU A 31 13.60 5.83 28.83
C GLU A 31 14.56 6.77 28.08
N GLN A 32 15.33 6.22 27.15
CA GLN A 32 16.27 7.01 26.41
C GLN A 32 15.56 8.05 25.53
N SER A 33 14.42 7.68 24.96
CA SER A 33 13.66 8.62 24.14
C SER A 33 13.19 9.81 24.98
N LEU A 34 12.73 9.57 26.23
CA LEU A 34 12.32 10.69 27.08
C LEU A 34 13.51 11.62 27.33
N LYS A 35 14.70 11.04 27.56
CA LYS A 35 15.89 11.84 27.81
C LYS A 35 16.29 12.64 26.58
N ILE A 36 16.21 11.98 25.42
CA ILE A 36 16.48 12.62 24.16
C ILE A 36 15.59 13.86 24.00
N ILE A 37 14.28 13.72 24.30
CA ILE A 37 13.34 14.78 24.04
C ILE A 37 13.59 15.94 25.02
N ASP A 38 13.89 15.62 26.28
CA ASP A 38 14.26 16.65 27.24
C ASP A 38 15.52 17.40 26.80
N THR A 39 16.48 16.69 26.18
CA THR A 39 17.72 17.31 25.72
C THR A 39 17.42 18.28 24.56
N LEU A 40 16.54 17.86 23.68
CA LEU A 40 16.16 18.66 22.52
C LEU A 40 15.56 19.98 22.99
N ILE A 41 14.73 19.92 24.03
CA ILE A 41 14.05 21.10 24.53
C ILE A 41 15.03 22.03 25.25
N ASP A 42 15.87 21.45 26.10
CA ASP A 42 16.79 22.25 26.89
C ASP A 42 17.79 22.94 25.97
N ALA A 43 18.11 22.33 24.82
CA ALA A 43 19.07 22.87 23.86
C ALA A 43 18.44 23.95 23.01
N GLY A 44 17.11 24.09 23.08
CA GLY A 44 16.45 25.22 22.45
C GLY A 44 15.48 24.86 21.31
N ALA A 45 15.03 23.60 21.21
CA ALA A 45 13.94 23.37 20.25
C ALA A 45 12.75 24.27 20.57
N ASP A 46 12.12 24.85 19.54
CA ASP A 46 10.94 25.69 19.74
C ASP A 46 9.66 24.87 19.80
N ALA A 47 9.63 23.71 19.14
CA ALA A 47 8.48 22.82 19.11
C ALA A 47 9.03 21.43 18.81
N LEU A 48 8.20 20.40 18.96
CA LEU A 48 8.58 19.03 18.63
C LEU A 48 7.67 18.47 17.56
N GLU A 49 8.25 17.60 16.72
CA GLU A 49 7.45 16.71 15.87
C GLU A 49 7.81 15.29 16.28
N LEU A 50 6.80 14.50 16.65
CA LEU A 50 7.03 13.21 17.26
C LEU A 50 6.30 12.12 16.48
N GLY A 51 7.03 11.08 16.11
CA GLY A 51 6.43 10.00 15.34
C GLY A 51 6.05 8.82 16.22
N VAL A 52 4.92 8.20 15.90
CA VAL A 52 4.47 6.98 16.55
C VAL A 52 4.87 5.83 15.63
N PRO A 53 5.68 4.86 16.09
CA PRO A 53 6.14 3.77 15.20
C PRO A 53 4.94 3.06 14.59
N PHE A 54 5.02 2.88 13.26
CA PHE A 54 4.02 2.20 12.49
C PHE A 54 4.71 1.13 11.63
N SER A 55 3.98 0.04 11.40
CA SER A 55 4.51 -1.12 10.68
C SER A 55 4.91 -0.72 9.26
N ASP A 56 4.22 0.28 8.68
CA ASP A 56 4.36 0.56 7.24
C ASP A 56 4.48 2.05 6.95
N PRO A 57 5.59 2.71 7.33
CA PRO A 57 5.69 4.18 7.22
C PRO A 57 6.08 4.62 5.80
N LEU A 58 5.04 4.76 4.96
CA LEU A 58 5.16 5.01 3.53
C LEU A 58 5.87 6.32 3.22
N ALA A 59 5.66 7.38 4.01
CA ALA A 59 6.18 8.70 3.68
C ALA A 59 7.65 8.84 4.08
N ASP A 60 8.15 7.83 4.81
CA ASP A 60 9.44 7.89 5.48
C ASP A 60 10.54 7.19 4.70
N GLY A 61 11.72 7.83 4.73
CA GLY A 61 12.92 7.31 4.11
C GLY A 61 13.67 6.39 5.07
N PRO A 62 14.87 5.92 4.68
CA PRO A 62 15.57 4.87 5.43
C PRO A 62 15.89 5.23 6.88
N THR A 63 16.26 6.48 7.14
CA THR A 63 16.58 6.87 8.51
C THR A 63 15.37 6.61 9.40
N ILE A 64 14.17 7.04 8.97
CA ILE A 64 13.03 6.93 9.87
C ILE A 64 12.50 5.50 9.84
N GLN A 65 12.67 4.80 8.71
CA GLN A 65 12.35 3.38 8.66
C GLN A 65 13.14 2.64 9.75
N ASN A 66 14.42 2.97 9.92
CA ASN A 66 15.27 2.26 10.85
C ASN A 66 14.93 2.64 12.30
N ALA A 67 14.58 3.91 12.49
CA ALA A 67 14.12 4.35 13.81
C ALA A 67 12.85 3.58 14.21
N ASN A 68 11.92 3.42 13.28
CA ASN A 68 10.72 2.65 13.60
C ASN A 68 11.08 1.24 14.02
N LEU A 69 12.02 0.64 13.27
CA LEU A 69 12.45 -0.71 13.63
C LEU A 69 13.06 -0.74 15.02
N ARG A 70 13.91 0.22 15.39
CA ARG A 70 14.47 0.21 16.74
C ARG A 70 13.38 0.29 17.82
N ALA A 71 12.40 1.17 17.62
CA ALA A 71 11.33 1.33 18.60
C ALA A 71 10.53 0.04 18.74
N PHE A 72 10.22 -0.63 17.61
CA PHE A 72 9.50 -1.88 17.67
C PHE A 72 10.31 -2.97 18.37
N ALA A 73 11.64 -2.95 18.14
CA ALA A 73 12.51 -3.91 18.82
C ALA A 73 12.44 -3.73 20.34
N ALA A 74 12.11 -2.51 20.78
CA ALA A 74 12.00 -2.19 22.21
C ALA A 74 10.57 -2.39 22.67
N GLY A 75 9.68 -2.81 21.76
CA GLY A 75 8.30 -3.16 22.13
C GLY A 75 7.37 -1.94 22.24
N VAL A 76 7.74 -0.83 21.57
CA VAL A 76 6.99 0.41 21.71
C VAL A 76 5.66 0.26 20.99
N THR A 77 4.60 0.72 21.65
CA THR A 77 3.25 0.64 21.11
C THR A 77 2.68 2.05 21.09
N PRO A 78 1.65 2.35 20.29
CA PRO A 78 1.00 3.66 20.43
C PRO A 78 0.49 3.99 21.84
N ALA A 79 -0.02 3.00 22.59
CA ALA A 79 -0.44 3.28 23.95
C ALA A 79 0.74 3.80 24.77
N GLN A 80 1.91 3.18 24.61
CA GLN A 80 3.10 3.63 25.33
C GLN A 80 3.52 5.03 24.88
N CYS A 81 3.32 5.32 23.58
CA CYS A 81 3.65 6.64 23.06
C CYS A 81 2.75 7.71 23.70
N PHE A 82 1.47 7.40 23.90
CA PHE A 82 0.57 8.35 24.53
C PHE A 82 0.92 8.55 26.00
N GLU A 83 1.38 7.50 26.68
CA GLU A 83 1.89 7.64 28.05
C GLU A 83 3.08 8.63 28.07
N MET A 84 4.01 8.48 27.10
CA MET A 84 5.16 9.37 26.96
C MET A 84 4.70 10.79 26.71
N LEU A 85 3.71 10.97 25.81
CA LEU A 85 3.25 12.31 25.49
C LEU A 85 2.74 12.99 26.77
N ALA A 86 1.98 12.27 27.62
CA ALA A 86 1.50 12.85 28.87
C ALA A 86 2.67 13.31 29.74
N LEU A 87 3.75 12.51 29.77
CA LEU A 87 4.88 12.83 30.66
C LEU A 87 5.59 14.08 30.12
N ILE A 88 5.69 14.16 28.79
CA ILE A 88 6.41 15.26 28.17
C ILE A 88 5.61 16.54 28.45
N ARG A 89 4.29 16.51 28.20
CA ARG A 89 3.48 17.70 28.39
C ARG A 89 3.52 18.16 29.85
N GLU A 90 3.59 17.17 30.77
CA GLU A 90 3.57 17.45 32.20
C GLU A 90 4.82 18.23 32.61
N LYS A 91 5.93 18.00 31.91
CA LYS A 91 7.21 18.60 32.27
C LYS A 91 7.35 19.94 31.53
N HIS A 92 6.61 20.09 30.41
CA HIS A 92 6.87 21.20 29.49
C HIS A 92 5.54 21.79 29.03
N PRO A 93 4.98 22.79 29.76
CA PRO A 93 3.60 23.21 29.51
C PRO A 93 3.36 24.07 28.29
N THR A 94 4.40 24.71 27.73
CA THR A 94 4.21 25.66 26.65
C THR A 94 4.73 25.15 25.30
N ILE A 95 5.63 24.16 25.30
CA ILE A 95 6.21 23.81 23.99
C ILE A 95 5.14 23.19 23.07
N PRO A 96 4.96 23.64 21.80
CA PRO A 96 4.03 22.95 20.91
C PRO A 96 4.53 21.54 20.56
N ILE A 97 3.60 20.57 20.63
CA ILE A 97 3.88 19.17 20.32
C ILE A 97 3.02 18.75 19.12
N GLY A 98 3.73 18.34 18.07
CA GLY A 98 3.06 17.84 16.89
C GLY A 98 3.31 16.35 16.77
N LEU A 99 2.28 15.59 16.32
CA LEU A 99 2.51 14.18 16.02
C LEU A 99 2.60 13.98 14.51
N LEU A 100 3.47 13.04 14.11
CA LEU A 100 3.47 12.51 12.75
C LEU A 100 2.88 11.10 12.82
N MET A 101 1.69 10.95 12.23
CA MET A 101 0.89 9.74 12.33
C MET A 101 0.68 9.15 10.95
N TYR A 102 0.47 7.83 10.93
CA TYR A 102 -0.07 7.15 9.76
C TYR A 102 -1.58 6.97 9.94
N ALA A 103 -2.30 6.95 8.83
CA ALA A 103 -3.74 7.00 8.85
C ALA A 103 -4.31 5.85 9.66
N ASN A 104 -3.74 4.65 9.51
CA ASN A 104 -4.38 3.51 10.15
C ASN A 104 -4.39 3.66 11.67
N LEU A 105 -3.34 4.29 12.23
CA LEU A 105 -3.24 4.47 13.67
C LEU A 105 -4.26 5.50 14.18
N VAL A 106 -4.68 6.43 13.30
CA VAL A 106 -5.65 7.44 13.67
C VAL A 106 -7.06 6.86 13.47
N PHE A 107 -7.23 6.06 12.41
CA PHE A 107 -8.55 5.51 12.09
C PHE A 107 -8.92 4.31 12.98
N ASN A 108 -7.91 3.62 13.55
CA ASN A 108 -8.03 2.30 14.14
C ASN A 108 -9.21 2.17 15.09
N ASN A 109 -9.26 3.07 16.09
CA ASN A 109 -10.26 2.96 17.14
C ASN A 109 -11.25 4.10 17.00
N GLY A 110 -11.33 4.67 15.79
CA GLY A 110 -12.21 5.82 15.57
C GLY A 110 -11.42 7.12 15.45
N ILE A 111 -11.68 7.86 14.39
CA ILE A 111 -10.93 9.10 14.16
C ILE A 111 -11.23 10.12 15.24
N ASP A 112 -12.52 10.33 15.57
CA ASP A 112 -12.86 11.27 16.64
C ASP A 112 -12.16 10.88 17.93
N ALA A 113 -12.19 9.58 18.27
CA ALA A 113 -11.60 9.15 19.53
C ALA A 113 -10.10 9.44 19.54
N PHE A 114 -9.45 9.31 18.38
CA PHE A 114 -8.02 9.55 18.35
C PHE A 114 -7.71 11.02 18.67
N TYR A 115 -8.46 11.93 18.03
CA TYR A 115 -8.22 13.35 18.28
C TYR A 115 -8.59 13.76 19.71
N ALA A 116 -9.61 13.08 20.28
CA ALA A 116 -9.96 13.36 21.66
C ALA A 116 -8.82 12.94 22.58
N ARG A 117 -8.15 11.82 22.28
CA ARG A 117 -7.04 11.42 23.12
C ARG A 117 -5.88 12.41 22.97
N CYS A 118 -5.70 12.93 21.74
CA CYS A 118 -4.66 13.93 21.49
C CYS A 118 -4.92 15.15 22.36
N GLU A 119 -6.19 15.58 22.39
CA GLU A 119 -6.56 16.78 23.12
C GLU A 119 -6.34 16.53 24.61
N GLN A 120 -6.70 15.32 25.07
CA GLN A 120 -6.59 15.03 26.49
C GLN A 120 -5.14 15.01 26.95
N VAL A 121 -4.22 14.54 26.11
CA VAL A 121 -2.84 14.46 26.60
C VAL A 121 -2.14 15.78 26.36
N GLY A 122 -2.69 16.67 25.51
CA GLY A 122 -2.07 17.98 25.37
C GLY A 122 -1.22 18.15 24.11
N VAL A 123 -1.45 17.28 23.10
CA VAL A 123 -0.87 17.38 21.77
C VAL A 123 -1.46 18.64 21.10
N ASP A 124 -0.67 19.32 20.23
CA ASP A 124 -1.16 20.54 19.59
C ASP A 124 -1.48 20.40 18.11
N SER A 125 -0.80 19.47 17.43
CA SER A 125 -1.06 19.29 16.01
C SER A 125 -0.88 17.84 15.61
N VAL A 126 -1.48 17.45 14.47
CA VAL A 126 -1.26 16.10 13.94
C VAL A 126 -1.08 16.22 12.43
N LEU A 127 0.00 15.62 11.90
CA LEU A 127 0.22 15.49 10.49
C LEU A 127 -0.01 14.03 10.14
N VAL A 128 -1.03 13.72 9.31
CA VAL A 128 -1.26 12.33 8.93
C VAL A 128 -0.53 12.10 7.60
N ALA A 129 0.53 11.28 7.62
CA ALA A 129 1.51 11.25 6.54
C ALA A 129 0.95 10.74 5.21
N ASP A 130 -0.09 9.88 5.25
CA ASP A 130 -0.63 9.26 4.05
C ASP A 130 -2.07 9.68 3.79
N VAL A 131 -2.44 10.85 4.33
CA VAL A 131 -3.74 11.43 4.02
C VAL A 131 -3.52 12.71 3.23
N PRO A 132 -3.78 12.74 1.91
CA PRO A 132 -3.63 13.99 1.17
C PRO A 132 -4.84 14.90 1.44
N VAL A 133 -4.74 16.15 1.01
CA VAL A 133 -5.82 17.08 1.34
C VAL A 133 -7.14 16.53 0.80
N GLU A 134 -7.08 15.80 -0.32
CA GLU A 134 -8.28 15.30 -0.99
C GLU A 134 -9.04 14.30 -0.11
N GLU A 135 -8.31 13.60 0.78
CA GLU A 135 -8.92 12.59 1.61
C GLU A 135 -9.06 13.09 3.05
N SER A 136 -8.76 14.39 3.26
CA SER A 136 -8.49 14.85 4.62
C SER A 136 -9.74 15.17 5.43
N ALA A 137 -10.90 15.31 4.80
CA ALA A 137 -12.05 15.91 5.48
C ALA A 137 -12.27 15.36 6.90
N PRO A 138 -12.44 14.04 7.13
CA PRO A 138 -12.81 13.59 8.48
C PRO A 138 -11.68 13.80 9.47
N PHE A 139 -10.45 13.84 8.97
CA PHE A 139 -9.30 14.02 9.86
C PHE A 139 -9.24 15.48 10.30
N ARG A 140 -9.34 16.41 9.34
CA ARG A 140 -9.22 17.84 9.68
C ARG A 140 -10.37 18.23 10.58
N GLN A 141 -11.57 17.71 10.24
CA GLN A 141 -12.77 18.07 10.97
C GLN A 141 -12.66 17.61 12.40
N ALA A 142 -12.19 16.37 12.62
CA ALA A 142 -12.07 15.84 13.97
C ALA A 142 -10.97 16.60 14.72
N ALA A 143 -9.90 16.95 13.99
CA ALA A 143 -8.80 17.72 14.59
C ALA A 143 -9.36 19.03 15.14
N LEU A 144 -10.07 19.81 14.31
CA LEU A 144 -10.51 21.14 14.72
C LEU A 144 -11.54 21.03 15.85
N ARG A 145 -12.41 19.99 15.84
CA ARG A 145 -13.39 19.82 16.92
C ARG A 145 -12.68 19.58 18.24
N HIS A 146 -11.44 19.07 18.16
CA HIS A 146 -10.69 18.79 19.37
C HIS A 146 -9.52 19.76 19.63
N ASN A 147 -9.51 20.94 19.00
CA ASN A 147 -8.50 21.97 19.24
C ASN A 147 -7.11 21.50 18.84
N ILE A 148 -7.04 20.62 17.84
CA ILE A 148 -5.79 20.13 17.29
C ILE A 148 -5.61 20.75 15.92
N ALA A 149 -4.39 21.25 15.66
CA ALA A 149 -4.09 21.80 14.35
C ALA A 149 -3.82 20.66 13.36
N PRO A 150 -4.53 20.63 12.22
CA PRO A 150 -4.23 19.64 11.20
C PRO A 150 -3.13 20.24 10.34
N ILE A 151 -2.00 19.52 10.27
CA ILE A 151 -0.84 19.95 9.52
C ILE A 151 -0.84 19.28 8.16
N PHE A 152 -0.66 20.10 7.11
CA PHE A 152 -0.54 19.61 5.76
C PHE A 152 0.85 19.87 5.20
N ILE A 153 1.31 18.93 4.36
CA ILE A 153 2.51 19.13 3.56
C ILE A 153 2.19 19.89 2.28
N CYS A 154 3.04 20.89 2.00
CA CYS A 154 3.00 21.52 0.71
C CYS A 154 4.21 21.00 -0.06
N PRO A 155 4.00 20.07 -1.02
CA PRO A 155 5.10 19.36 -1.66
C PRO A 155 5.72 20.23 -2.78
N PRO A 156 6.84 19.78 -3.40
CA PRO A 156 7.56 20.58 -4.38
C PRO A 156 6.73 20.71 -5.65
N ASN A 157 5.89 19.69 -5.91
CA ASN A 157 5.03 19.62 -7.08
C ASN A 157 3.65 20.25 -6.81
N ALA A 158 3.55 21.21 -5.87
CA ALA A 158 2.29 21.86 -5.52
C ALA A 158 1.80 22.81 -6.62
N ASP A 159 0.52 22.76 -6.98
CA ASP A 159 -0.12 23.71 -7.89
C ASP A 159 -0.96 24.72 -7.10
N ASP A 160 -1.58 25.67 -7.81
CA ASP A 160 -2.30 26.77 -7.17
C ASP A 160 -3.50 26.25 -6.37
N ASP A 161 -4.22 25.26 -6.91
CA ASP A 161 -5.41 24.72 -6.26
C ASP A 161 -5.01 24.12 -4.93
N LEU A 162 -3.85 23.44 -4.92
CA LEU A 162 -3.35 22.81 -3.72
C LEU A 162 -2.90 23.86 -2.71
N LEU A 163 -2.18 24.89 -3.17
CA LEU A 163 -1.80 25.95 -2.25
C LEU A 163 -3.05 26.51 -1.55
N ARG A 164 -4.15 26.68 -2.29
CA ARG A 164 -5.31 27.29 -1.67
C ARG A 164 -5.94 26.34 -0.67
N GLN A 165 -5.93 25.03 -0.97
CA GLN A 165 -6.54 24.07 -0.07
C GLN A 165 -5.72 23.98 1.22
N VAL A 166 -4.41 23.84 1.09
CA VAL A 166 -3.55 23.73 2.25
C VAL A 166 -3.67 25.01 3.09
N ALA A 167 -3.73 26.18 2.43
CA ALA A 167 -3.88 27.42 3.18
C ALA A 167 -5.19 27.46 3.98
N SER A 168 -6.28 27.02 3.37
CA SER A 168 -7.60 27.02 3.98
C SER A 168 -7.69 25.96 5.10
N TYR A 169 -7.15 24.77 4.82
CA TYR A 169 -7.46 23.60 5.64
C TYR A 169 -6.51 23.50 6.84
N GLY A 170 -5.28 23.98 6.70
CA GLY A 170 -4.28 23.77 7.73
C GLY A 170 -4.36 24.77 8.90
N ARG A 171 -3.76 24.37 10.02
CA ARG A 171 -3.54 25.29 11.13
C ARG A 171 -2.18 24.98 11.73
N GLY A 172 -1.70 25.88 12.59
CA GLY A 172 -0.47 25.61 13.33
C GLY A 172 0.73 26.04 12.48
N TYR A 173 1.08 25.18 11.53
CA TYR A 173 2.06 25.57 10.53
C TYR A 173 1.80 24.77 9.26
N THR A 174 2.41 25.24 8.17
CA THR A 174 2.39 24.52 6.90
C THR A 174 3.74 23.82 6.77
N TYR A 175 3.72 22.54 6.47
CA TYR A 175 4.96 21.78 6.39
C TYR A 175 5.44 21.90 4.95
N LEU A 176 6.47 22.71 4.72
CA LEU A 176 6.90 22.96 3.36
C LEU A 176 7.98 21.95 2.99
N LEU A 177 7.79 21.29 1.85
CA LEU A 177 8.84 20.45 1.28
C LEU A 177 9.26 21.06 -0.05
N SER A 178 10.28 21.95 -0.01
CA SER A 178 10.77 22.64 -1.19
C SER A 178 12.21 23.12 -0.96
N LEU A 191 7.18 24.87 -9.25
CA LEU A 191 7.05 26.20 -8.59
C LEU A 191 8.33 26.53 -7.82
N PRO A 192 8.83 27.79 -7.93
CA PRO A 192 9.99 28.25 -7.16
C PRO A 192 9.59 28.42 -5.70
N LEU A 193 10.59 28.37 -4.81
CA LEU A 193 10.37 28.39 -3.38
C LEU A 193 9.74 29.71 -2.94
N HIS A 194 10.25 30.82 -3.46
N HIS A 194 10.28 30.83 -3.44
CA HIS A 194 9.78 32.16 -3.13
CA HIS A 194 9.78 32.16 -3.12
C HIS A 194 8.32 32.30 -3.51
C HIS A 194 8.29 32.25 -3.48
N HIS A 195 7.93 31.65 -4.61
CA HIS A 195 6.54 31.60 -5.05
C HIS A 195 5.70 30.84 -4.03
N LEU A 196 6.13 29.63 -3.64
CA LEU A 196 5.33 28.84 -2.69
C LEU A 196 5.12 29.68 -1.44
N ILE A 197 6.21 30.26 -0.90
CA ILE A 197 6.15 30.98 0.36
C ILE A 197 5.23 32.20 0.26
N GLU A 198 5.38 32.99 -0.82
CA GLU A 198 4.58 34.18 -1.07
C GLU A 198 3.10 33.82 -1.16
N LYS A 199 2.79 32.79 -1.95
CA LYS A 199 1.42 32.38 -2.18
C LYS A 199 0.78 31.90 -0.89
N LEU A 200 1.52 31.13 -0.09
CA LEU A 200 0.98 30.67 1.18
C LEU A 200 0.58 31.85 2.07
N LYS A 201 1.41 32.89 2.09
CA LYS A 201 1.10 34.07 2.89
C LYS A 201 -0.11 34.79 2.30
N GLU A 202 -0.15 34.90 0.96
CA GLU A 202 -1.23 35.60 0.30
C GLU A 202 -2.56 34.92 0.61
N TYR A 203 -2.52 33.60 0.81
CA TYR A 203 -3.73 32.81 1.02
C TYR A 203 -4.02 32.61 2.51
N HIS A 204 -3.25 33.28 3.37
CA HIS A 204 -3.42 33.28 4.82
C HIS A 204 -3.17 31.89 5.42
N ALA A 205 -2.21 31.17 4.85
CA ALA A 205 -1.91 29.84 5.35
C ALA A 205 -1.26 29.92 6.73
N ALA A 206 -1.28 28.78 7.43
CA ALA A 206 -0.49 28.68 8.64
C ALA A 206 0.97 28.98 8.32
N PRO A 207 1.77 29.57 9.26
CA PRO A 207 3.16 29.93 8.94
C PRO A 207 3.92 28.70 8.40
N ALA A 208 4.80 28.92 7.42
CA ALA A 208 5.50 27.79 6.79
C ALA A 208 6.79 27.45 7.54
N LEU A 209 6.98 26.15 7.76
CA LEU A 209 8.26 25.63 8.21
C LEU A 209 8.88 24.79 7.08
N GLN A 210 10.10 25.15 6.71
CA GLN A 210 10.79 24.43 5.62
C GLN A 210 11.30 23.11 6.18
N GLY A 211 10.88 21.99 5.59
CA GLY A 211 11.31 20.71 6.15
C GLY A 211 12.17 19.88 5.18
N PHE A 212 12.50 20.44 4.00
CA PHE A 212 13.22 19.67 2.99
C PHE A 212 14.70 19.59 3.37
N GLY A 213 15.14 18.40 3.79
CA GLY A 213 16.54 18.05 4.05
C GLY A 213 17.32 19.08 4.87
N ILE A 214 16.78 19.45 6.04
CA ILE A 214 17.36 20.49 6.89
C ILE A 214 18.33 19.82 7.86
N SER A 215 19.65 19.94 7.62
CA SER A 215 20.57 19.22 8.47
C SER A 215 21.76 20.08 8.90
N SER A 216 21.79 21.37 8.53
CA SER A 216 22.95 22.21 8.85
C SER A 216 22.48 23.61 9.26
N PRO A 217 23.19 24.31 10.18
CA PRO A 217 22.74 25.63 10.60
C PRO A 217 22.44 26.61 9.45
N GLU A 218 23.28 26.60 8.40
CA GLU A 218 23.08 27.59 7.35
C GLU A 218 21.74 27.37 6.64
N GLN A 219 21.24 26.13 6.66
CA GLN A 219 19.96 25.87 6.01
C GLN A 219 18.81 26.50 6.81
N VAL A 220 18.97 26.55 8.14
CA VAL A 220 17.98 27.18 9.01
C VAL A 220 17.90 28.69 8.71
N SER A 221 19.07 29.33 8.65
CA SER A 221 19.10 30.76 8.34
C SER A 221 18.55 31.06 6.93
N ALA A 222 18.88 30.21 5.95
CA ALA A 222 18.41 30.41 4.60
C ALA A 222 16.89 30.27 4.53
N ALA A 223 16.36 29.39 5.38
CA ALA A 223 14.91 29.16 5.33
C ALA A 223 14.17 30.42 5.78
N VAL A 224 14.70 31.07 6.82
CA VAL A 224 14.11 32.26 7.41
C VAL A 224 14.29 33.42 6.42
N ARG A 225 15.46 33.50 5.79
CA ARG A 225 15.71 34.54 4.81
C ARG A 225 14.71 34.45 3.67
N ALA A 226 14.29 33.23 3.32
CA ALA A 226 13.42 32.97 2.18
C ALA A 226 11.99 33.41 2.51
N GLY A 227 11.71 33.65 3.79
CA GLY A 227 10.39 34.11 4.17
C GLY A 227 9.64 33.05 4.99
N ALA A 228 10.30 31.91 5.24
CA ALA A 228 9.64 30.90 6.05
C ALA A 228 9.75 31.26 7.53
N ALA A 229 8.87 30.69 8.37
CA ALA A 229 8.80 31.06 9.78
C ALA A 229 9.83 30.24 10.54
N GLY A 230 10.44 29.27 9.86
CA GLY A 230 11.42 28.45 10.57
C GLY A 230 11.64 27.18 9.77
N ALA A 231 12.27 26.19 10.40
CA ALA A 231 12.67 24.98 9.73
C ALA A 231 12.46 23.75 10.62
N ILE A 232 12.15 22.62 9.96
CA ILE A 232 11.98 21.32 10.60
C ILE A 232 13.11 20.41 10.13
N SER A 233 13.85 19.81 11.08
N SER A 233 13.89 19.90 11.09
CA SER A 233 14.88 18.83 10.76
CA SER A 233 14.81 18.83 10.76
C SER A 233 14.25 17.43 10.80
C SER A 233 14.03 17.52 10.81
N GLY A 234 13.82 16.95 9.63
CA GLY A 234 13.01 15.76 9.50
C GLY A 234 13.75 14.46 9.86
N SER A 235 15.08 14.42 9.66
CA SER A 235 15.81 13.20 9.96
C SER A 235 17.17 13.40 10.61
N ALA A 236 17.76 14.60 10.57
CA ALA A 236 19.11 14.77 11.10
C ALA A 236 19.24 14.33 12.57
N ILE A 237 18.20 14.56 13.38
CA ILE A 237 18.26 14.21 14.78
C ILE A 237 18.35 12.69 14.90
N VAL A 238 17.47 12.01 14.15
CA VAL A 238 17.39 10.57 14.13
C VAL A 238 18.74 9.99 13.70
N LYS A 239 19.41 10.66 12.75
CA LYS A 239 20.71 10.18 12.29
C LYS A 239 21.70 10.21 13.45
N ILE A 240 21.56 11.20 14.33
CA ILE A 240 22.49 11.29 15.43
C ILE A 240 22.22 10.15 16.42
N ILE A 241 20.94 9.82 16.63
CA ILE A 241 20.59 8.71 17.49
C ILE A 241 21.20 7.42 16.93
N GLU A 242 21.03 7.23 15.62
CA GLU A 242 21.50 6.03 14.92
C GLU A 242 23.02 5.90 15.03
N LYS A 243 23.75 7.00 14.84
CA LYS A 243 25.22 7.03 14.85
C LYS A 243 25.80 6.74 16.24
N ASN A 244 25.00 6.89 17.30
CA ASN A 244 25.52 6.86 18.67
C ASN A 244 24.79 5.85 19.56
N LEU A 245 24.24 4.78 18.97
CA LEU A 245 23.43 3.84 19.75
C LEU A 245 24.21 3.26 20.93
N ALA A 246 25.51 2.99 20.70
CA ALA A 246 26.35 2.27 21.66
C ALA A 246 26.69 3.15 22.86
N SER A 247 26.50 4.47 22.74
CA SER A 247 26.90 5.37 23.80
C SER A 247 25.83 6.45 24.06
N PRO A 248 24.81 6.14 24.89
CA PRO A 248 23.76 7.09 25.23
C PRO A 248 24.18 8.48 25.70
N LYS A 249 25.31 8.56 26.41
CA LYS A 249 25.75 9.82 26.99
C LYS A 249 26.22 10.74 25.87
N GLN A 250 27.03 10.19 24.96
CA GLN A 250 27.60 10.88 23.81
C GLN A 250 26.48 11.25 22.84
N MET A 251 25.45 10.38 22.77
CA MET A 251 24.28 10.64 21.93
C MET A 251 23.64 11.95 22.39
N LEU A 252 23.35 12.07 23.68
CA LEU A 252 22.78 13.30 24.22
C LEU A 252 23.68 14.52 23.96
N ALA A 253 24.99 14.38 24.19
CA ALA A 253 25.93 15.48 23.96
C ALA A 253 25.87 15.98 22.52
N GLU A 254 25.85 15.04 21.56
CA GLU A 254 25.80 15.38 20.15
C GLU A 254 24.45 16.00 19.79
N LEU A 255 23.35 15.52 20.40
CA LEU A 255 22.06 16.13 20.15
C LEU A 255 22.04 17.58 20.65
N ARG A 256 22.56 17.79 21.85
CA ARG A 256 22.50 19.09 22.48
C ARG A 256 23.29 20.08 21.63
N SER A 257 24.47 19.66 21.17
CA SER A 257 25.33 20.53 20.40
C SER A 257 24.69 20.86 19.04
N PHE A 258 24.07 19.86 18.42
CA PHE A 258 23.44 20.08 17.13
C PHE A 258 22.22 21.03 17.25
N VAL A 259 21.32 20.73 18.18
CA VAL A 259 20.14 21.57 18.32
C VAL A 259 20.56 23.00 18.67
N SER A 260 21.56 23.11 19.55
CA SER A 260 22.10 24.39 19.94
C SER A 260 22.46 25.19 18.70
N ALA A 261 23.22 24.57 17.79
CA ALA A 261 23.77 25.21 16.61
C ALA A 261 22.63 25.58 15.64
N MET A 262 21.67 24.66 15.49
CA MET A 262 20.56 24.90 14.57
C MET A 262 19.71 26.06 15.08
N LYS A 263 19.47 26.11 16.39
CA LYS A 263 18.65 27.15 16.96
C LYS A 263 19.37 28.50 16.87
N ALA A 264 20.69 28.52 17.13
CA ALA A 264 21.49 29.72 17.02
C ALA A 264 21.34 30.34 15.63
N ALA A 265 21.17 29.49 14.62
CA ALA A 265 21.12 29.98 13.26
C ALA A 265 19.79 30.68 12.99
N SER A 266 18.80 30.45 13.84
CA SER A 266 17.46 31.01 13.61
C SER A 266 17.32 32.42 14.20
N ARG A 267 18.31 32.81 15.04
CA ARG A 267 18.27 34.04 15.79
C ARG A 267 18.69 35.20 14.88
N ALA A 268 17.98 36.34 15.07
CA ALA A 268 18.26 37.59 14.39
C ALA A 268 19.66 38.09 14.75
N THR B 2 -9.59 16.24 -6.64
CA THR B 2 -10.63 15.99 -7.69
C THR B 2 -10.12 14.86 -8.56
N THR B 3 -11.06 14.05 -9.06
CA THR B 3 -10.69 12.97 -9.96
C THR B 3 -11.72 12.87 -11.09
N LEU B 4 -11.31 12.18 -12.16
CA LEU B 4 -12.21 11.92 -13.27
C LEU B 4 -13.17 10.79 -12.99
N LEU B 5 -12.75 9.82 -12.14
CA LEU B 5 -13.51 8.63 -11.88
C LEU B 5 -13.71 8.53 -10.37
N ASN B 6 -14.72 7.76 -9.99
CA ASN B 6 -14.97 7.55 -8.57
C ASN B 6 -13.86 6.72 -7.93
N PRO B 7 -13.11 7.24 -6.94
CA PRO B 7 -12.03 6.45 -6.34
C PRO B 7 -12.49 5.36 -5.38
N TYR B 8 -13.79 5.35 -5.04
CA TYR B 8 -14.32 4.45 -4.03
C TYR B 8 -15.31 3.45 -4.61
N PHE B 9 -15.37 2.31 -3.92
CA PHE B 9 -16.41 1.32 -4.06
C PHE B 9 -17.14 1.30 -2.72
N GLY B 10 -18.21 2.07 -2.65
CA GLY B 10 -18.85 2.27 -1.35
C GLY B 10 -17.88 3.00 -0.43
N GLU B 11 -17.59 2.43 0.72
CA GLU B 11 -16.68 3.12 1.66
C GLU B 11 -15.23 2.69 1.43
N PHE B 12 -15.02 1.75 0.53
CA PHE B 12 -13.67 1.19 0.36
C PHE B 12 -12.94 1.81 -0.82
N GLY B 13 -11.63 1.89 -0.68
CA GLY B 13 -10.84 2.45 -1.78
C GLY B 13 -10.14 3.76 -1.38
N GLY B 14 -10.17 4.72 -2.29
CA GLY B 14 -9.58 6.01 -2.02
C GLY B 14 -8.13 6.11 -2.50
N MET B 15 -7.52 7.22 -2.09
CA MET B 15 -6.18 7.59 -2.51
C MET B 15 -5.39 8.03 -1.28
N TYR B 16 -5.07 7.06 -0.41
CA TYR B 16 -4.40 7.44 0.83
C TYR B 16 -2.90 7.39 0.67
N VAL B 17 -2.39 8.41 -0.04
CA VAL B 17 -0.98 8.53 -0.26
C VAL B 17 -0.53 9.90 0.22
N PRO B 18 0.77 10.03 0.53
CA PRO B 18 1.32 11.35 0.81
C PRO B 18 1.06 12.28 -0.36
N GLN B 19 0.95 13.58 -0.04
CA GLN B 19 0.53 14.58 -1.01
C GLN B 19 1.37 14.51 -2.29
N ILE B 20 2.67 14.25 -2.13
CA ILE B 20 3.60 14.33 -3.24
C ILE B 20 3.26 13.30 -4.32
N LEU B 21 2.56 12.20 -3.95
CA LEU B 21 2.20 11.18 -4.95
C LEU B 21 0.90 11.50 -5.68
N MET B 22 0.15 12.48 -5.19
CA MET B 22 -1.12 12.68 -5.86
C MET B 22 -0.98 13.06 -7.34
N PRO B 23 -0.03 13.91 -7.77
CA PRO B 23 0.02 14.20 -9.20
C PRO B 23 0.28 12.97 -10.09
N ALA B 24 1.04 12.03 -9.55
CA ALA B 24 1.32 10.77 -10.24
C ALA B 24 0.02 10.01 -10.45
N LEU B 25 -0.81 9.94 -9.41
CA LEU B 25 -2.04 9.16 -9.51
C LEU B 25 -2.99 9.90 -10.43
N ASN B 26 -3.03 11.24 -10.34
CA ASN B 26 -3.94 11.97 -11.22
C ASN B 26 -3.51 11.85 -12.70
N GLN B 27 -2.20 11.91 -12.97
CA GLN B 27 -1.71 11.81 -14.34
C GLN B 27 -2.12 10.45 -14.92
N LEU B 28 -1.92 9.39 -14.12
CA LEU B 28 -2.22 8.04 -14.56
C LEU B 28 -3.70 7.89 -14.83
N GLU B 29 -4.53 8.47 -13.93
CA GLU B 29 -5.97 8.34 -14.09
C GLU B 29 -6.37 9.02 -15.41
N GLU B 30 -5.77 10.19 -15.68
CA GLU B 30 -6.11 10.90 -16.93
C GLU B 30 -5.72 10.07 -18.16
N ALA B 31 -4.52 9.49 -18.16
CA ALA B 31 -4.02 8.71 -19.28
C ALA B 31 -4.90 7.48 -19.49
N PHE B 32 -5.31 6.85 -18.39
CA PHE B 32 -6.20 5.70 -18.46
C PHE B 32 -7.56 6.06 -19.05
N VAL B 33 -8.20 7.14 -18.57
CA VAL B 33 -9.48 7.52 -19.14
C VAL B 33 -9.36 7.77 -20.65
N SER B 34 -8.24 8.37 -21.04
CA SER B 34 -8.00 8.72 -22.43
C SER B 34 -7.78 7.44 -23.22
N ALA B 35 -6.94 6.55 -22.68
CA ALA B 35 -6.66 5.27 -23.36
C ALA B 35 -7.95 4.48 -23.59
N GLN B 36 -8.88 4.52 -22.63
CA GLN B 36 -10.05 3.67 -22.72
C GLN B 36 -10.99 4.18 -23.81
N LYS B 37 -10.82 5.42 -24.25
CA LYS B 37 -11.65 5.95 -25.33
C LYS B 37 -10.91 5.88 -26.67
N ASP B 38 -9.69 5.32 -26.70
CA ASP B 38 -8.81 5.42 -27.85
C ASP B 38 -8.85 4.09 -28.58
N PRO B 39 -9.53 3.96 -29.73
CA PRO B 39 -9.59 2.68 -30.43
C PRO B 39 -8.20 2.13 -30.79
N GLU B 40 -7.24 3.04 -31.02
CA GLU B 40 -5.91 2.58 -31.40
C GLU B 40 -5.25 1.92 -30.19
N PHE B 41 -5.50 2.47 -29.01
CA PHE B 41 -4.88 1.87 -27.84
C PHE B 41 -5.48 0.48 -27.64
N GLN B 42 -6.81 0.39 -27.72
CA GLN B 42 -7.49 -0.89 -27.59
C GLN B 42 -7.00 -1.89 -28.62
N ALA B 43 -6.76 -1.43 -29.85
CA ALA B 43 -6.33 -2.37 -30.89
C ALA B 43 -4.93 -2.89 -30.62
N GLN B 44 -4.06 -2.01 -30.12
N GLN B 44 -4.03 -2.03 -30.12
CA GLN B 44 -2.70 -2.37 -29.76
CA GLN B 44 -2.68 -2.46 -29.81
C GLN B 44 -2.72 -3.40 -28.63
C GLN B 44 -2.70 -3.42 -28.61
N PHE B 45 -3.57 -3.14 -27.64
CA PHE B 45 -3.65 -4.02 -26.47
C PHE B 45 -4.18 -5.39 -26.94
N ALA B 46 -5.26 -5.38 -27.72
CA ALA B 46 -5.83 -6.61 -28.24
C ALA B 46 -4.81 -7.44 -29.02
N ASP B 47 -3.96 -6.75 -29.82
CA ASP B 47 -2.99 -7.40 -30.70
C ASP B 47 -1.95 -8.11 -29.82
N LEU B 48 -1.45 -7.42 -28.77
CA LEU B 48 -0.50 -8.06 -27.86
C LEU B 48 -1.13 -9.23 -27.12
N LEU B 49 -2.35 -9.06 -26.60
CA LEU B 49 -3.03 -10.18 -25.94
C LEU B 49 -3.21 -11.42 -26.83
N LYS B 50 -3.57 -11.21 -28.11
CA LYS B 50 -3.77 -12.36 -28.99
C LYS B 50 -2.42 -12.96 -29.43
N ASN B 51 -1.56 -12.12 -30.01
CA ASN B 51 -0.46 -12.62 -30.83
C ASN B 51 0.78 -12.87 -29.99
N TYR B 52 0.84 -12.24 -28.81
CA TYR B 52 1.99 -12.40 -27.95
C TYR B 52 1.61 -13.27 -26.76
N ALA B 53 0.47 -12.96 -26.12
CA ALA B 53 0.15 -13.71 -24.91
C ALA B 53 -0.66 -14.97 -25.18
N GLY B 54 -1.39 -15.01 -26.30
CA GLY B 54 -2.05 -16.26 -26.67
C GLY B 54 -3.57 -16.24 -26.46
N ARG B 55 -4.17 -15.07 -26.15
CA ARG B 55 -5.61 -15.07 -25.91
C ARG B 55 -6.35 -15.36 -27.20
N PRO B 56 -7.57 -15.95 -27.18
CA PRO B 56 -8.28 -16.34 -25.97
C PRO B 56 -7.72 -17.64 -25.37
N THR B 57 -7.84 -17.76 -24.05
CA THR B 57 -7.45 -19.00 -23.39
C THR B 57 -8.59 -19.99 -23.43
N ALA B 58 -8.22 -21.26 -23.45
CA ALA B 58 -9.18 -22.35 -23.41
C ALA B 58 -10.15 -22.25 -22.21
N LEU B 59 -11.34 -22.80 -22.43
CA LEU B 59 -12.25 -23.16 -21.35
C LEU B 59 -12.41 -24.70 -21.37
N THR B 60 -11.82 -25.37 -20.36
CA THR B 60 -11.74 -26.83 -20.41
C THR B 60 -12.83 -27.48 -19.57
N LYS B 61 -13.59 -28.43 -20.14
CA LYS B 61 -14.56 -29.18 -19.32
C LYS B 61 -13.85 -30.36 -18.66
N CYS B 62 -13.91 -30.44 -17.34
CA CYS B 62 -13.17 -31.41 -16.57
C CYS B 62 -14.12 -32.52 -16.14
N GLN B 63 -14.12 -33.62 -16.90
CA GLN B 63 -15.09 -34.70 -16.73
C GLN B 63 -14.71 -35.71 -15.64
N ASN B 64 -13.44 -36.09 -15.58
CA ASN B 64 -13.06 -37.14 -14.65
C ASN B 64 -13.32 -36.67 -13.21
N ILE B 65 -13.03 -35.41 -12.94
CA ILE B 65 -13.01 -34.96 -11.57
C ILE B 65 -14.43 -34.82 -11.00
N THR B 66 -15.46 -34.76 -11.85
CA THR B 66 -16.85 -34.60 -11.38
C THR B 66 -17.66 -35.88 -11.57
N ALA B 67 -17.02 -36.94 -12.05
CA ALA B 67 -17.77 -38.12 -12.48
C ALA B 67 -18.63 -38.63 -11.32
N GLY B 68 -19.88 -39.00 -11.62
CA GLY B 68 -20.81 -39.53 -10.63
C GLY B 68 -21.48 -38.47 -9.75
N THR B 69 -21.30 -37.18 -10.06
CA THR B 69 -22.04 -36.12 -9.39
C THR B 69 -22.80 -35.33 -10.44
N ARG B 70 -23.61 -34.35 -10.01
CA ARG B 70 -24.38 -33.53 -10.94
C ARG B 70 -23.70 -32.16 -11.12
N THR B 71 -22.42 -32.07 -10.76
CA THR B 71 -21.64 -30.87 -11.05
C THR B 71 -21.02 -31.01 -12.44
N THR B 72 -21.12 -29.92 -13.25
CA THR B 72 -20.33 -29.73 -14.47
C THR B 72 -19.32 -28.63 -14.18
N LEU B 73 -18.04 -28.99 -14.28
CA LEU B 73 -16.95 -28.06 -13.96
C LEU B 73 -16.15 -27.71 -15.20
N TYR B 74 -16.03 -26.41 -15.43
CA TYR B 74 -15.12 -25.92 -16.45
C TYR B 74 -13.97 -25.16 -15.79
N LEU B 75 -12.81 -25.21 -16.43
CA LEU B 75 -11.69 -24.41 -15.96
C LEU B 75 -11.32 -23.38 -17.00
N LYS B 76 -11.31 -22.10 -16.59
CA LYS B 76 -10.79 -21.08 -17.49
C LYS B 76 -9.26 -21.09 -17.44
N ARG B 77 -8.60 -21.30 -18.60
CA ARG B 77 -7.22 -21.78 -18.56
C ARG B 77 -6.26 -20.60 -18.64
N GLU B 78 -6.21 -19.75 -17.59
CA GLU B 78 -5.23 -18.67 -17.57
C GLU B 78 -3.81 -19.26 -17.39
N ASP B 79 -3.71 -20.53 -17.02
CA ASP B 79 -2.45 -21.26 -16.89
C ASP B 79 -1.79 -21.41 -18.27
N LEU B 80 -2.58 -21.24 -19.35
CA LEU B 80 -2.03 -21.37 -20.70
C LEU B 80 -1.57 -20.03 -21.30
N LEU B 81 -1.86 -18.91 -20.61
CA LEU B 81 -1.37 -17.61 -21.02
C LEU B 81 0.15 -17.59 -20.94
N HIS B 82 0.74 -16.80 -21.84
CA HIS B 82 2.20 -16.64 -21.83
C HIS B 82 2.63 -16.14 -20.45
N GLY B 83 3.65 -16.79 -19.89
CA GLY B 83 4.08 -16.42 -18.54
C GLY B 83 3.52 -17.37 -17.48
N GLY B 84 2.45 -18.08 -17.82
CA GLY B 84 1.88 -19.14 -16.97
C GLY B 84 0.88 -18.63 -15.93
N ALA B 85 0.51 -17.35 -15.97
CA ALA B 85 -0.55 -16.83 -15.08
C ALA B 85 -1.27 -15.66 -15.76
N HIS B 86 -2.41 -15.29 -15.19
CA HIS B 86 -3.26 -14.21 -15.69
C HIS B 86 -2.55 -12.85 -15.59
N LYS B 87 -1.48 -12.70 -14.80
CA LYS B 87 -0.85 -11.40 -14.55
C LYS B 87 -0.42 -10.76 -15.87
N THR B 88 -0.07 -11.59 -16.86
CA THR B 88 0.41 -11.09 -18.14
C THR B 88 -0.59 -10.12 -18.78
N ASN B 89 -1.89 -10.36 -18.62
CA ASN B 89 -2.90 -9.51 -19.28
C ASN B 89 -2.66 -8.04 -18.89
N GLN B 90 -2.58 -7.78 -17.59
CA GLN B 90 -2.67 -6.40 -17.11
C GLN B 90 -1.32 -5.70 -17.19
N VAL B 91 -0.22 -6.48 -17.11
CA VAL B 91 1.11 -5.88 -17.26
C VAL B 91 1.26 -5.37 -18.68
N LEU B 92 0.68 -6.05 -19.68
CA LEU B 92 0.74 -5.56 -21.04
C LEU B 92 -0.01 -4.24 -21.18
N GLY B 93 -1.22 -4.17 -20.56
CA GLY B 93 -2.00 -2.94 -20.58
C GLY B 93 -1.26 -1.79 -19.88
N GLN B 94 -0.71 -2.06 -18.69
CA GLN B 94 -0.02 -1.01 -17.97
C GLN B 94 1.24 -0.55 -18.71
N ALA B 95 1.93 -1.47 -19.41
CA ALA B 95 3.15 -1.12 -20.14
C ALA B 95 2.78 -0.19 -21.30
N LEU B 96 1.61 -0.46 -21.89
CA LEU B 96 1.09 0.41 -22.94
C LEU B 96 0.70 1.78 -22.38
N LEU B 97 0.13 1.83 -21.18
CA LEU B 97 -0.20 3.11 -20.58
C LEU B 97 1.07 3.92 -20.31
N ALA B 98 2.11 3.23 -19.81
CA ALA B 98 3.39 3.90 -19.54
C ALA B 98 3.92 4.56 -20.82
N LYS B 99 3.83 3.83 -21.94
CA LYS B 99 4.29 4.36 -23.23
C LYS B 99 3.41 5.52 -23.72
N ARG B 100 2.09 5.42 -23.48
CA ARG B 100 1.15 6.48 -23.82
C ARG B 100 1.53 7.79 -23.09
N MET B 101 2.06 7.67 -21.87
CA MET B 101 2.41 8.83 -21.06
C MET B 101 3.81 9.34 -21.39
N GLY B 102 4.51 8.62 -22.29
CA GLY B 102 5.86 9.00 -22.70
C GLY B 102 6.94 8.52 -21.74
N LYS B 103 6.62 7.54 -20.89
CA LYS B 103 7.54 7.05 -19.88
C LYS B 103 8.46 6.01 -20.53
N SER B 104 9.66 5.84 -19.96
CA SER B 104 10.67 4.93 -20.50
C SER B 104 11.04 3.83 -19.50
N GLU B 105 10.51 3.93 -18.25
CA GLU B 105 10.95 3.09 -17.15
C GLU B 105 9.72 2.55 -16.42
N ILE B 106 9.89 1.35 -15.82
CA ILE B 106 8.87 0.62 -15.06
C ILE B 106 9.43 0.28 -13.69
N ILE B 107 8.63 0.53 -12.65
CA ILE B 107 8.86 0.05 -11.29
C ILE B 107 7.77 -0.96 -10.93
N ALA B 108 8.08 -2.07 -10.22
CA ALA B 108 7.06 -3.03 -9.83
C ALA B 108 7.45 -3.66 -8.49
N GLU B 109 6.44 -4.09 -7.72
CA GLU B 109 6.66 -4.88 -6.53
C GLU B 109 6.39 -6.34 -6.89
N THR B 110 6.95 -7.27 -6.11
CA THR B 110 6.58 -8.69 -6.22
C THR B 110 6.88 -9.41 -4.89
N GLY B 111 6.03 -10.42 -4.58
CA GLY B 111 6.17 -11.29 -3.42
C GLY B 111 6.64 -12.67 -3.85
N ALA B 112 5.71 -13.39 -4.48
CA ALA B 112 5.92 -14.69 -5.12
C ALA B 112 6.91 -14.58 -6.29
N GLY B 113 7.02 -13.39 -6.91
CA GLY B 113 7.97 -13.19 -7.99
C GLY B 113 7.33 -13.28 -9.36
N GLN B 114 6.07 -13.75 -9.41
CA GLN B 114 5.31 -13.85 -10.64
C GLN B 114 5.11 -12.47 -11.22
N HIS B 115 4.68 -11.52 -10.38
CA HIS B 115 4.47 -10.18 -10.90
C HIS B 115 5.79 -9.55 -11.36
N GLY B 116 6.88 -9.75 -10.64
CA GLY B 116 8.19 -9.30 -11.10
C GLY B 116 8.52 -9.83 -12.51
N VAL B 117 8.29 -11.14 -12.72
CA VAL B 117 8.57 -11.79 -14.02
C VAL B 117 7.62 -11.18 -15.06
N ALA B 118 6.34 -11.02 -14.71
CA ALA B 118 5.37 -10.51 -15.68
C ALA B 118 5.78 -9.09 -16.07
N SER B 119 6.20 -8.30 -15.08
CA SER B 119 6.57 -6.90 -15.34
C SER B 119 7.80 -6.89 -16.23
N ALA B 120 8.76 -7.76 -15.89
CA ALA B 120 9.99 -7.82 -16.67
C ALA B 120 9.72 -8.25 -18.10
N LEU B 121 8.81 -9.22 -18.31
CA LEU B 121 8.68 -9.69 -19.69
C LEU B 121 7.97 -8.63 -20.51
N ALA B 122 7.01 -7.92 -19.89
CA ALA B 122 6.29 -6.89 -20.63
C ALA B 122 7.27 -5.76 -20.96
N SER B 123 8.18 -5.47 -20.01
CA SER B 123 9.12 -4.39 -20.23
C SER B 123 10.08 -4.75 -21.37
N ALA B 124 10.54 -6.00 -21.38
CA ALA B 124 11.46 -6.49 -22.41
C ALA B 124 10.79 -6.33 -23.76
N LEU B 125 9.54 -6.77 -23.88
CA LEU B 125 8.88 -6.74 -25.17
C LEU B 125 8.73 -5.29 -25.67
N LEU B 126 8.38 -4.40 -24.76
CA LEU B 126 7.95 -3.07 -25.16
C LEU B 126 9.06 -2.02 -25.00
N GLY B 127 10.28 -2.47 -24.70
CA GLY B 127 11.45 -1.58 -24.69
C GLY B 127 11.49 -0.61 -23.52
N LEU B 128 10.99 -1.05 -22.35
CA LEU B 128 10.99 -0.24 -21.15
C LEU B 128 12.05 -0.79 -20.20
N LYS B 129 12.70 0.09 -19.44
CA LYS B 129 13.69 -0.29 -18.45
C LYS B 129 13.04 -0.60 -17.11
N CYS B 130 13.18 -1.85 -16.64
CA CYS B 130 12.35 -2.32 -15.53
C CYS B 130 13.17 -2.55 -14.27
N ARG B 131 12.67 -2.04 -13.12
CA ARG B 131 13.24 -2.33 -11.81
C ARG B 131 12.16 -2.85 -10.88
N ILE B 132 12.53 -3.88 -10.11
CA ILE B 132 11.58 -4.63 -9.30
C ILE B 132 12.05 -4.65 -7.86
N TYR B 133 11.09 -4.35 -6.96
CA TYR B 133 11.29 -4.43 -5.52
C TYR B 133 10.69 -5.70 -4.96
N MET B 134 11.47 -6.34 -4.08
N MET B 134 11.44 -6.32 -4.04
CA MET B 134 11.12 -7.65 -3.55
CA MET B 134 11.07 -7.62 -3.54
C MET B 134 11.64 -7.68 -2.12
C MET B 134 11.64 -7.73 -2.13
N GLY B 135 10.79 -8.09 -1.16
CA GLY B 135 11.29 -8.21 0.21
C GLY B 135 12.42 -9.23 0.31
N ALA B 136 13.43 -8.95 1.15
CA ALA B 136 14.62 -9.79 1.15
C ALA B 136 14.28 -11.26 1.40
N LYS B 137 13.26 -11.48 2.24
CA LYS B 137 12.85 -12.84 2.59
C LYS B 137 12.30 -13.54 1.36
N ASP B 138 11.55 -12.78 0.53
CA ASP B 138 10.97 -13.28 -0.71
C ASP B 138 12.07 -13.57 -1.73
N VAL B 139 13.07 -12.67 -1.82
CA VAL B 139 14.24 -12.89 -2.67
C VAL B 139 14.84 -14.27 -2.42
N GLU B 140 15.13 -14.57 -1.15
CA GLU B 140 15.77 -15.81 -0.79
C GLU B 140 14.89 -17.02 -1.12
N ARG B 141 13.56 -16.86 -1.00
CA ARG B 141 12.58 -17.92 -1.21
C ARG B 141 12.40 -18.19 -2.71
N GLN B 142 12.67 -17.18 -3.56
CA GLN B 142 12.25 -17.26 -4.96
C GLN B 142 13.41 -17.08 -5.96
N SER B 143 14.51 -17.83 -5.77
N SER B 143 14.51 -17.82 -5.75
CA SER B 143 15.69 -17.75 -6.61
CA SER B 143 15.69 -17.80 -6.59
C SER B 143 15.36 -17.98 -8.09
C SER B 143 15.36 -17.98 -8.08
N PRO B 144 14.49 -18.95 -8.47
CA PRO B 144 14.10 -19.12 -9.88
C PRO B 144 13.53 -17.85 -10.55
N ASN B 145 12.68 -17.15 -9.80
CA ASN B 145 12.03 -15.96 -10.35
C ASN B 145 13.03 -14.80 -10.46
N VAL B 146 13.90 -14.71 -9.49
CA VAL B 146 14.91 -13.63 -9.54
C VAL B 146 15.78 -13.82 -10.79
N PHE B 147 16.11 -15.06 -11.08
CA PHE B 147 16.93 -15.35 -12.24
C PHE B 147 16.16 -15.04 -13.52
N ARG B 148 14.89 -15.42 -13.57
CA ARG B 148 14.09 -15.08 -14.76
C ARG B 148 14.08 -13.57 -14.98
N MET B 149 13.87 -12.80 -13.89
CA MET B 149 13.77 -11.35 -14.05
C MET B 149 15.08 -10.82 -14.64
N ARG B 150 16.19 -11.30 -14.10
CA ARG B 150 17.49 -10.84 -14.64
C ARG B 150 17.70 -11.29 -16.11
N LEU B 151 17.22 -12.47 -16.51
CA LEU B 151 17.40 -12.93 -17.89
C LEU B 151 16.68 -11.96 -18.82
N MET B 152 15.57 -11.41 -18.34
CA MET B 152 14.72 -10.57 -19.17
C MET B 152 15.20 -9.14 -19.08
N GLY B 153 16.29 -8.93 -18.35
CA GLY B 153 16.95 -7.62 -18.35
C GLY B 153 16.43 -6.65 -17.29
N ALA B 154 15.73 -7.15 -16.27
CA ALA B 154 15.23 -6.28 -15.23
C ALA B 154 16.26 -6.20 -14.10
N GLU B 155 16.16 -5.14 -13.28
CA GLU B 155 16.95 -4.99 -12.06
C GLU B 155 16.08 -5.40 -10.87
N VAL B 156 16.63 -6.22 -9.97
CA VAL B 156 15.87 -6.67 -8.80
C VAL B 156 16.50 -6.06 -7.56
N ILE B 157 15.70 -5.36 -6.74
CA ILE B 157 16.16 -4.61 -5.58
C ILE B 157 15.52 -5.19 -4.34
N PRO B 158 16.30 -5.88 -3.49
CA PRO B 158 15.79 -6.43 -2.23
C PRO B 158 15.46 -5.32 -1.24
N VAL B 159 14.38 -5.56 -0.48
CA VAL B 159 13.86 -4.61 0.50
C VAL B 159 14.00 -5.19 1.92
N HIS B 160 14.68 -4.42 2.80
CA HIS B 160 15.08 -4.90 4.12
C HIS B 160 14.32 -4.18 5.23
N SER B 161 13.55 -3.15 4.89
CA SER B 161 12.74 -2.40 5.85
C SER B 161 11.56 -3.24 6.33
N GLY B 162 10.90 -2.78 7.41
CA GLY B 162 9.70 -3.42 7.94
C GLY B 162 9.90 -4.93 8.10
N SER B 163 9.02 -5.74 7.47
CA SER B 163 9.13 -7.20 7.61
C SER B 163 9.81 -7.88 6.41
N ALA B 164 10.44 -7.09 5.52
CA ALA B 164 11.23 -7.61 4.43
C ALA B 164 10.39 -8.58 3.58
N THR B 165 9.10 -8.26 3.42
CA THR B 165 8.25 -9.13 2.60
C THR B 165 7.41 -8.26 1.65
N LEU B 166 6.28 -8.79 1.17
CA LEU B 166 5.58 -8.11 0.08
C LEU B 166 5.08 -6.72 0.50
N LYS B 167 4.46 -6.59 1.68
CA LYS B 167 3.96 -5.26 1.98
C LYS B 167 5.12 -4.26 1.96
N ASP B 168 6.32 -4.68 2.37
CA ASP B 168 7.45 -3.77 2.45
C ASP B 168 7.94 -3.40 1.05
N ALA B 169 7.94 -4.40 0.15
CA ALA B 169 8.20 -4.12 -1.25
C ALA B 169 7.21 -3.11 -1.83
N CYS B 170 5.93 -3.28 -1.49
CA CYS B 170 4.83 -2.40 -1.91
C CYS B 170 5.11 -0.98 -1.45
N ASN B 171 5.56 -0.81 -0.19
CA ASN B 171 5.84 0.54 0.30
C ASN B 171 7.00 1.13 -0.49
N GLU B 172 8.06 0.34 -0.73
CA GLU B 172 9.27 0.85 -1.36
C GLU B 172 9.01 1.24 -2.82
N ALA B 173 8.11 0.51 -3.50
CA ALA B 173 7.79 0.85 -4.87
C ALA B 173 7.18 2.26 -4.91
N LEU B 174 6.22 2.49 -4.00
CA LEU B 174 5.59 3.79 -3.84
C LEU B 174 6.60 4.85 -3.45
N ARG B 175 7.58 4.50 -2.61
CA ARG B 175 8.57 5.50 -2.28
C ARG B 175 9.34 5.91 -3.52
N ASP B 176 9.69 4.94 -4.39
CA ASP B 176 10.55 5.26 -5.52
C ASP B 176 9.76 6.12 -6.51
N TRP B 177 8.50 5.74 -6.69
CA TRP B 177 7.71 6.42 -7.70
C TRP B 177 7.50 7.89 -7.31
N SER B 178 7.42 8.18 -6.01
CA SER B 178 7.15 9.57 -5.61
C SER B 178 8.25 10.48 -6.13
N GLY B 179 9.47 9.94 -6.26
CA GLY B 179 10.60 10.68 -6.78
C GLY B 179 10.75 10.62 -8.31
N SER B 180 10.25 9.54 -8.94
CA SER B 180 10.59 9.21 -10.31
C SER B 180 9.45 9.31 -11.34
N TYR B 181 8.26 9.72 -10.94
CA TYR B 181 7.05 9.48 -11.75
C TYR B 181 7.10 10.24 -13.08
N GLU B 182 7.96 11.25 -13.19
CA GLU B 182 8.01 11.96 -14.44
C GLU B 182 8.52 11.03 -15.55
N THR B 183 9.38 10.07 -15.19
CA THR B 183 9.97 9.21 -16.22
C THR B 183 9.59 7.74 -16.07
N ALA B 184 9.12 7.35 -14.87
CA ALA B 184 8.85 5.95 -14.56
C ALA B 184 7.37 5.76 -14.23
N HIS B 185 6.83 4.63 -14.71
CA HIS B 185 5.49 4.21 -14.35
C HIS B 185 5.60 3.12 -13.28
N TYR B 186 4.75 3.21 -12.24
CA TYR B 186 4.63 2.16 -11.23
C TYR B 186 3.60 1.12 -11.66
N MET B 187 4.07 -0.09 -12.01
CA MET B 187 3.23 -1.16 -12.49
C MET B 187 2.76 -2.00 -11.29
N LEU B 188 1.69 -1.53 -10.63
CA LEU B 188 1.15 -2.21 -9.46
C LEU B 188 0.64 -3.59 -9.90
N GLY B 189 0.84 -4.59 -9.05
CA GLY B 189 0.66 -5.97 -9.46
C GLY B 189 -0.68 -6.61 -9.11
N THR B 190 -1.62 -5.86 -8.51
CA THR B 190 -2.94 -6.44 -8.26
C THR B 190 -4.04 -5.36 -8.34
N ALA B 191 -5.33 -5.73 -8.17
CA ALA B 191 -6.46 -4.78 -8.18
C ALA B 191 -6.65 -4.17 -6.78
N ALA B 192 -5.58 -3.56 -6.26
CA ALA B 192 -5.57 -2.95 -4.94
C ALA B 192 -4.69 -1.72 -5.02
N GLY B 193 -4.48 -1.12 -3.87
CA GLY B 193 -3.66 0.07 -3.85
C GLY B 193 -4.54 1.31 -4.05
N PRO B 194 -3.94 2.51 -4.22
CA PRO B 194 -4.73 3.73 -4.36
C PRO B 194 -5.38 3.79 -5.75
N HIS B 195 -6.54 4.42 -5.82
CA HIS B 195 -7.12 4.74 -7.12
C HIS B 195 -6.07 5.51 -7.91
N PRO B 196 -5.90 5.26 -9.23
CA PRO B 196 -6.84 4.44 -10.01
C PRO B 196 -6.53 2.95 -10.20
N TYR B 197 -5.56 2.40 -9.45
CA TYR B 197 -5.12 1.03 -9.78
C TYR B 197 -6.20 -0.07 -9.67
N PRO B 198 -7.07 -0.12 -8.63
CA PRO B 198 -8.07 -1.20 -8.58
C PRO B 198 -8.96 -1.14 -9.83
N THR B 199 -9.21 0.08 -10.32
CA THR B 199 -10.05 0.21 -11.51
C THR B 199 -9.30 -0.17 -12.81
N ILE B 200 -8.06 0.31 -12.99
CA ILE B 200 -7.25 -0.06 -14.15
C ILE B 200 -7.05 -1.56 -14.25
N VAL B 201 -6.64 -2.17 -13.13
CA VAL B 201 -6.30 -3.59 -13.22
C VAL B 201 -7.54 -4.44 -13.52
N ARG B 202 -8.70 -4.07 -12.92
CA ARG B 202 -9.95 -4.75 -13.31
C ARG B 202 -10.19 -4.67 -14.81
N GLU B 203 -10.06 -3.47 -15.37
CA GLU B 203 -10.39 -3.31 -16.78
C GLU B 203 -9.38 -4.02 -17.69
N PHE B 204 -8.12 -4.13 -17.24
CA PHE B 204 -7.10 -4.84 -18.01
C PHE B 204 -7.09 -6.33 -17.72
N GLN B 205 -8.02 -6.83 -16.87
CA GLN B 205 -8.14 -8.26 -16.66
C GLN B 205 -9.54 -8.76 -17.08
N ARG B 206 -10.43 -7.86 -17.56
CA ARG B 206 -11.84 -8.23 -17.61
C ARG B 206 -12.13 -9.14 -18.80
N MET B 207 -11.12 -9.32 -19.66
CA MET B 207 -11.27 -10.24 -20.77
C MET B 207 -11.42 -11.69 -20.28
N ILE B 208 -10.91 -11.96 -19.10
CA ILE B 208 -11.09 -13.31 -18.54
C ILE B 208 -12.58 -13.65 -18.46
N GLY B 209 -13.35 -12.79 -17.80
CA GLY B 209 -14.78 -13.06 -17.66
C GLY B 209 -15.54 -12.89 -18.98
N GLU B 210 -15.10 -11.94 -19.82
CA GLU B 210 -15.82 -11.78 -21.10
C GLU B 210 -15.68 -13.04 -21.97
N GLU B 211 -14.45 -13.59 -22.04
CA GLU B 211 -14.24 -14.83 -22.79
C GLU B 211 -15.05 -15.97 -22.15
N THR B 212 -14.95 -16.10 -20.82
CA THR B 212 -15.67 -17.16 -20.10
C THR B 212 -17.16 -17.12 -20.45
N LYS B 213 -17.73 -15.91 -20.45
CA LYS B 213 -19.16 -15.81 -20.75
C LYS B 213 -19.48 -16.30 -22.17
N ALA B 214 -18.68 -15.85 -23.16
CA ALA B 214 -18.92 -16.28 -24.54
C ALA B 214 -18.72 -17.79 -24.68
N GLN B 215 -17.69 -18.32 -24.01
CA GLN B 215 -17.37 -19.74 -24.16
C GLN B 215 -18.41 -20.64 -23.51
N ILE B 216 -18.89 -20.25 -22.31
CA ILE B 216 -19.91 -21.04 -21.64
C ILE B 216 -21.23 -20.94 -22.41
N LEU B 217 -21.51 -19.78 -22.99
CA LEU B 217 -22.74 -19.68 -23.79
C LEU B 217 -22.69 -20.60 -25.01
N ASP B 218 -21.55 -20.62 -25.68
CA ASP B 218 -21.36 -21.49 -26.84
C ASP B 218 -21.52 -22.96 -26.44
N LYS B 219 -20.93 -23.34 -25.29
CA LYS B 219 -20.79 -24.75 -24.99
C LYS B 219 -22.02 -25.31 -24.24
N GLU B 220 -22.70 -24.43 -23.47
CA GLU B 220 -23.77 -24.91 -22.60
C GLU B 220 -25.09 -24.18 -22.81
N GLY B 221 -25.06 -23.08 -23.57
CA GLY B 221 -26.28 -22.37 -23.94
C GLY B 221 -26.89 -21.55 -22.80
N ARG B 222 -26.13 -21.32 -21.72
CA ARG B 222 -26.60 -20.54 -20.56
C ARG B 222 -25.39 -20.02 -19.79
N LEU B 223 -25.66 -19.18 -18.78
CA LEU B 223 -24.60 -18.68 -17.90
C LEU B 223 -24.26 -19.70 -16.83
N PRO B 224 -23.07 -19.59 -16.22
CA PRO B 224 -22.73 -20.49 -15.11
C PRO B 224 -23.63 -20.20 -13.90
N ASP B 225 -23.81 -21.20 -13.01
CA ASP B 225 -24.43 -20.97 -11.70
C ASP B 225 -23.48 -20.18 -10.80
N ALA B 226 -22.16 -20.41 -10.95
CA ALA B 226 -21.20 -19.63 -10.17
C ALA B 226 -19.83 -19.64 -10.86
N VAL B 227 -19.10 -18.55 -10.71
CA VAL B 227 -17.70 -18.47 -11.08
C VAL B 227 -16.88 -18.29 -9.79
N ILE B 228 -15.75 -19.01 -9.71
CA ILE B 228 -14.98 -19.21 -8.50
C ILE B 228 -13.54 -18.84 -8.77
N ALA B 229 -12.98 -17.92 -7.95
CA ALA B 229 -11.59 -17.49 -8.18
C ALA B 229 -10.90 -17.27 -6.84
N CYS B 230 -9.58 -17.53 -6.82
CA CYS B 230 -8.82 -17.26 -5.62
C CYS B 230 -8.57 -15.76 -5.48
N VAL B 231 -8.34 -15.31 -4.24
CA VAL B 231 -8.17 -13.88 -3.99
C VAL B 231 -6.88 -13.67 -3.23
N GLY B 232 -5.83 -13.16 -3.92
CA GLY B 232 -4.67 -12.73 -3.16
C GLY B 232 -4.69 -11.23 -2.93
N GLY B 233 -4.60 -10.45 -4.01
CA GLY B 233 -4.93 -9.04 -3.92
C GLY B 233 -6.26 -8.77 -4.60
N GLY B 234 -6.62 -9.64 -5.55
CA GLY B 234 -7.94 -9.49 -6.16
C GLY B 234 -8.01 -9.41 -7.68
N SER B 235 -6.87 -9.47 -8.39
CA SER B 235 -6.94 -9.20 -9.83
C SER B 235 -7.58 -10.33 -10.64
N ASN B 236 -7.20 -11.59 -10.40
CA ASN B 236 -7.77 -12.63 -11.26
C ASN B 236 -9.26 -12.73 -10.98
N ALA B 237 -9.62 -12.54 -9.73
CA ALA B 237 -11.01 -12.78 -9.37
C ALA B 237 -11.87 -11.66 -9.94
N ILE B 238 -11.42 -10.40 -9.81
CA ILE B 238 -12.20 -9.31 -10.41
C ILE B 238 -12.20 -9.43 -11.93
N GLY B 239 -11.10 -9.93 -12.52
CA GLY B 239 -11.14 -10.10 -13.96
C GLY B 239 -12.17 -11.13 -14.40
N MET B 240 -12.31 -12.21 -13.62
CA MET B 240 -13.35 -13.20 -13.92
C MET B 240 -14.76 -12.64 -13.63
N PHE B 241 -14.90 -11.89 -12.52
CA PHE B 241 -16.22 -11.47 -12.05
C PHE B 241 -16.80 -10.32 -12.89
N ALA B 242 -15.96 -9.41 -13.42
CA ALA B 242 -16.47 -8.10 -13.84
C ALA B 242 -17.65 -8.23 -14.81
N ASP B 243 -17.48 -9.05 -15.84
CA ASP B 243 -18.48 -9.09 -16.89
C ASP B 243 -19.75 -9.82 -16.43
N PHE B 244 -19.70 -10.46 -15.26
CA PHE B 244 -20.86 -11.17 -14.73
C PHE B 244 -21.56 -10.34 -13.64
N ILE B 245 -21.00 -9.19 -13.24
CA ILE B 245 -21.61 -8.50 -12.10
C ILE B 245 -23.09 -8.20 -12.35
N ASN B 246 -23.43 -7.82 -13.59
CA ASN B 246 -24.83 -7.45 -13.86
C ASN B 246 -25.74 -8.63 -14.22
N ASP B 247 -25.17 -9.84 -14.29
CA ASP B 247 -25.94 -11.08 -14.44
C ASP B 247 -26.24 -11.62 -13.05
N THR B 248 -27.35 -11.15 -12.49
CA THR B 248 -27.55 -11.33 -11.06
C THR B 248 -27.76 -12.81 -10.68
N SER B 249 -28.08 -13.71 -11.62
CA SER B 249 -28.19 -15.13 -11.26
C SER B 249 -26.82 -15.78 -11.11
N VAL B 250 -25.74 -15.11 -11.56
CA VAL B 250 -24.46 -15.80 -11.57
C VAL B 250 -23.77 -15.56 -10.24
N GLY B 251 -23.45 -16.63 -9.51
CA GLY B 251 -22.76 -16.47 -8.24
C GLY B 251 -21.29 -16.07 -8.45
N LEU B 252 -20.76 -15.21 -7.55
CA LEU B 252 -19.39 -14.79 -7.66
C LEU B 252 -18.74 -15.19 -6.36
N ILE B 253 -17.82 -16.16 -6.43
CA ILE B 253 -17.26 -16.69 -5.21
C ILE B 253 -15.75 -16.47 -5.21
N GLY B 254 -15.25 -15.67 -4.25
CA GLY B 254 -13.83 -15.48 -4.07
C GLY B 254 -13.32 -16.29 -2.91
N VAL B 255 -12.14 -16.90 -3.11
CA VAL B 255 -11.59 -17.78 -2.11
C VAL B 255 -10.29 -17.19 -1.57
N GLU B 256 -10.32 -16.87 -0.28
CA GLU B 256 -9.14 -16.36 0.40
C GLU B 256 -8.38 -17.55 0.96
N PRO B 257 -7.07 -17.39 1.15
CA PRO B 257 -6.26 -18.46 1.78
C PRO B 257 -6.48 -18.57 3.28
N GLY B 258 -6.82 -19.80 3.70
CA GLY B 258 -7.10 -20.08 5.10
C GLY B 258 -5.84 -20.50 5.84
N GLY B 259 -4.75 -20.72 5.09
CA GLY B 259 -3.48 -21.02 5.76
C GLY B 259 -3.55 -22.31 6.58
N HIS B 260 -3.10 -22.24 7.85
CA HIS B 260 -3.12 -23.41 8.74
C HIS B 260 -4.50 -23.58 9.37
N GLY B 261 -5.42 -22.67 9.02
CA GLY B 261 -6.77 -22.63 9.59
C GLY B 261 -7.06 -21.25 10.16
N ILE B 262 -8.27 -20.74 9.91
CA ILE B 262 -8.62 -19.39 10.34
C ILE B 262 -8.34 -19.25 11.84
N GLU B 263 -8.72 -20.30 12.62
CA GLU B 263 -8.62 -20.24 14.07
C GLU B 263 -7.17 -20.11 14.55
N THR B 264 -6.18 -20.51 13.73
CA THR B 264 -4.77 -20.43 14.13
C THR B 264 -4.25 -18.99 14.02
N GLY B 265 -4.96 -18.14 13.28
CA GLY B 265 -4.46 -16.80 12.96
C GLY B 265 -3.45 -16.76 11.82
N GLU B 266 -3.09 -17.94 11.30
N GLU B 266 -3.04 -17.93 11.32
CA GLU B 266 -2.10 -18.07 10.26
CA GLU B 266 -2.06 -18.02 10.26
C GLU B 266 -2.81 -18.28 8.93
C GLU B 266 -2.78 -18.26 8.95
N HIS B 267 -3.19 -17.15 8.33
CA HIS B 267 -4.01 -17.18 7.14
C HIS B 267 -3.82 -15.86 6.42
N GLY B 268 -4.54 -15.69 5.31
CA GLY B 268 -4.52 -14.45 4.53
C GLY B 268 -5.93 -14.09 4.11
N ALA B 269 -6.86 -14.07 5.09
CA ALA B 269 -8.28 -13.92 4.75
C ALA B 269 -8.87 -12.66 5.41
N PRO B 270 -8.39 -11.45 5.01
CA PRO B 270 -8.80 -10.24 5.67
C PRO B 270 -10.23 -9.84 5.33
N LEU B 271 -10.72 -10.29 4.18
CA LEU B 271 -12.05 -9.82 3.81
C LEU B 271 -13.06 -10.37 4.81
N LYS B 272 -12.90 -11.65 5.22
CA LYS B 272 -13.83 -12.29 6.13
C LYS B 272 -13.33 -12.29 7.56
N HIS B 273 -11.99 -12.17 7.77
CA HIS B 273 -11.45 -12.37 9.10
C HIS B 273 -10.53 -11.23 9.54
N GLY B 274 -10.53 -10.12 8.80
CA GLY B 274 -9.83 -8.92 9.23
C GLY B 274 -10.80 -7.80 9.60
N ARG B 275 -10.30 -6.57 9.52
CA ARG B 275 -11.21 -5.43 9.77
C ARG B 275 -10.72 -4.25 8.97
N VAL B 276 -11.65 -3.39 8.63
CA VAL B 276 -11.32 -2.26 7.76
C VAL B 276 -10.20 -1.40 8.37
N GLY B 277 -9.27 -1.01 7.49
CA GLY B 277 -8.21 -0.12 7.91
C GLY B 277 -7.70 0.66 6.69
N ILE B 278 -6.61 1.40 6.89
CA ILE B 278 -6.06 2.22 5.81
C ILE B 278 -4.59 1.87 5.68
N TYR B 279 -4.22 1.29 4.53
CA TYR B 279 -2.84 0.90 4.28
C TYR B 279 -2.70 0.69 2.78
N PHE B 280 -1.50 0.93 2.26
CA PHE B 280 -1.23 0.75 0.83
C PHE B 280 -2.12 1.65 -0.01
N GLY B 281 -2.40 2.88 0.46
CA GLY B 281 -3.15 3.83 -0.35
C GLY B 281 -4.64 3.59 -0.37
N MET B 282 -5.14 2.63 0.41
CA MET B 282 -6.56 2.31 0.29
C MET B 282 -7.17 2.03 1.66
N LYS B 283 -8.48 2.31 1.74
CA LYS B 283 -9.30 1.85 2.85
C LYS B 283 -9.87 0.49 2.45
N ALA B 284 -9.50 -0.55 3.21
CA ALA B 284 -9.87 -1.90 2.81
C ALA B 284 -9.73 -2.81 4.02
N PRO B 285 -10.33 -4.01 3.98
CA PRO B 285 -10.11 -4.99 5.04
C PRO B 285 -8.64 -5.36 5.14
N MET B 286 -8.14 -5.35 6.39
N MET B 286 -8.16 -5.43 6.37
CA MET B 286 -6.75 -5.58 6.77
CA MET B 286 -6.79 -5.88 6.50
C MET B 286 -6.70 -6.69 7.82
C MET B 286 -6.62 -6.60 7.82
N MET B 287 -5.60 -7.46 7.81
CA MET B 287 -5.19 -8.18 9.00
C MET B 287 -4.38 -7.19 9.83
N GLN B 288 -4.86 -6.95 11.05
CA GLN B 288 -4.17 -5.97 11.88
C GLN B 288 -4.21 -6.36 13.34
N THR B 289 -3.21 -5.86 14.07
CA THR B 289 -3.18 -5.98 15.52
C THR B 289 -4.31 -5.11 16.11
N ALA B 290 -4.62 -5.36 17.39
CA ALA B 290 -5.67 -4.63 18.09
C ALA B 290 -5.36 -3.13 18.05
N ASP B 291 -4.09 -2.77 18.05
CA ASP B 291 -3.72 -1.37 18.12
C ASP B 291 -3.41 -0.80 16.71
N GLY B 292 -3.68 -1.59 15.66
CA GLY B 292 -3.70 -1.03 14.32
C GLY B 292 -2.37 -1.10 13.56
N GLN B 293 -1.46 -2.00 13.98
CA GLN B 293 -0.34 -2.31 13.12
C GLN B 293 -0.77 -3.35 12.09
N ILE B 294 -0.14 -3.33 10.92
CA ILE B 294 -0.50 -4.29 9.88
C ILE B 294 0.17 -5.63 10.18
N GLU B 295 -0.66 -6.68 10.17
CA GLU B 295 -0.24 -8.01 10.55
C GLU B 295 0.47 -8.73 9.41
N GLU B 296 1.18 -9.78 9.79
CA GLU B 296 1.76 -10.70 8.83
C GLU B 296 0.70 -11.73 8.45
N SER B 297 0.50 -11.89 7.14
CA SER B 297 -0.36 -12.94 6.59
C SER B 297 0.45 -14.22 6.39
N TYR B 298 -0.28 -15.32 6.14
CA TYR B 298 0.37 -16.58 5.83
C TYR B 298 -0.50 -17.36 4.84
N SER B 299 0.14 -17.95 3.81
CA SER B 299 -0.44 -19.02 3.02
C SER B 299 0.69 -19.91 2.50
N ILE B 300 0.37 -21.19 2.27
CA ILE B 300 1.27 -22.06 1.52
C ILE B 300 1.62 -21.39 0.20
N SER B 301 0.66 -20.66 -0.39
CA SER B 301 0.86 -20.05 -1.70
C SER B 301 1.28 -18.58 -1.57
N ALA B 302 2.55 -18.27 -1.94
CA ALA B 302 3.07 -16.92 -1.81
C ALA B 302 2.23 -15.90 -2.57
N GLY B 303 1.62 -16.34 -3.67
CA GLY B 303 0.77 -15.50 -4.47
C GLY B 303 -0.49 -15.00 -3.75
N LEU B 304 -0.92 -15.72 -2.70
CA LEU B 304 -2.11 -15.31 -1.96
C LEU B 304 -1.73 -14.63 -0.64
N ASP B 305 -0.43 -14.55 -0.34
CA ASP B 305 0.07 -14.20 0.98
C ASP B 305 0.24 -12.68 1.11
N PHE B 306 -0.86 -12.02 1.47
CA PHE B 306 -0.88 -10.58 1.61
C PHE B 306 -1.97 -10.26 2.63
N PRO B 307 -1.75 -9.33 3.58
CA PRO B 307 -2.72 -9.08 4.63
C PRO B 307 -3.87 -8.13 4.28
N SER B 308 -4.02 -7.78 3.00
CA SER B 308 -5.20 -7.00 2.63
C SER B 308 -5.77 -7.57 1.35
N VAL B 309 -6.64 -6.78 0.71
CA VAL B 309 -7.38 -7.22 -0.47
C VAL B 309 -7.92 -5.97 -1.16
N GLY B 310 -8.15 -6.08 -2.47
CA GLY B 310 -8.63 -4.94 -3.24
C GLY B 310 -10.00 -4.45 -2.76
N PRO B 311 -10.30 -3.15 -2.93
CA PRO B 311 -11.48 -2.56 -2.32
C PRO B 311 -12.78 -2.95 -3.02
N GLN B 312 -12.71 -3.25 -4.32
CA GLN B 312 -13.92 -3.66 -5.01
C GLN B 312 -14.45 -4.99 -4.41
N HIS B 313 -13.56 -5.87 -3.96
CA HIS B 313 -14.03 -7.14 -3.39
C HIS B 313 -14.75 -6.86 -2.07
N ALA B 314 -14.16 -5.98 -1.25
CA ALA B 314 -14.80 -5.61 0.01
C ALA B 314 -16.20 -5.05 -0.25
N TYR B 315 -16.34 -4.25 -1.32
CA TYR B 315 -17.60 -3.63 -1.66
C TYR B 315 -18.60 -4.68 -2.14
N LEU B 316 -18.19 -5.52 -3.11
CA LEU B 316 -19.08 -6.56 -3.60
C LEU B 316 -19.53 -7.47 -2.46
N ASN B 317 -18.63 -7.77 -1.52
CA ASN B 317 -19.09 -8.54 -0.38
C ASN B 317 -20.11 -7.77 0.47
N SER B 318 -19.85 -6.49 0.72
N SER B 318 -19.85 -6.48 0.72
CA SER B 318 -20.69 -5.74 1.65
CA SER B 318 -20.67 -5.70 1.63
C SER B 318 -22.13 -5.69 1.18
C SER B 318 -22.13 -5.70 1.18
N ILE B 319 -22.35 -5.61 -0.14
CA ILE B 319 -23.69 -5.52 -0.70
C ILE B 319 -24.29 -6.91 -0.96
N GLY B 320 -23.53 -7.98 -0.67
CA GLY B 320 -23.98 -9.35 -0.90
C GLY B 320 -24.00 -9.77 -2.39
N ARG B 321 -23.28 -9.04 -3.25
CA ARG B 321 -23.19 -9.44 -4.65
C ARG B 321 -22.23 -10.60 -4.84
N ALA B 322 -21.13 -10.61 -4.08
CA ALA B 322 -20.18 -11.70 -4.13
C ALA B 322 -20.03 -12.30 -2.74
N ASP B 323 -19.70 -13.60 -2.72
CA ASP B 323 -19.55 -14.30 -1.46
C ASP B 323 -18.10 -14.73 -1.35
N TYR B 324 -17.54 -14.61 -0.14
CA TYR B 324 -16.13 -14.93 0.02
C TYR B 324 -16.01 -16.03 1.06
N VAL B 325 -15.09 -16.98 0.79
CA VAL B 325 -14.92 -18.17 1.60
C VAL B 325 -13.42 -18.35 1.76
N SER B 326 -12.96 -19.34 2.55
CA SER B 326 -11.56 -19.67 2.61
C SER B 326 -11.32 -21.17 2.44
N ILE B 327 -10.08 -21.47 2.07
CA ILE B 327 -9.62 -22.83 1.80
C ILE B 327 -8.24 -22.92 2.46
N THR B 328 -8.00 -24.02 3.17
CA THR B 328 -6.75 -24.14 3.90
C THR B 328 -5.64 -24.70 3.00
N ASP B 329 -4.42 -24.59 3.51
CA ASP B 329 -3.30 -25.17 2.82
C ASP B 329 -3.58 -26.64 2.46
N ASP B 330 -4.10 -27.41 3.42
CA ASP B 330 -4.34 -28.83 3.16
C ASP B 330 -5.39 -29.04 2.08
N GLU B 331 -6.48 -28.27 2.13
CA GLU B 331 -7.50 -28.35 1.10
C GLU B 331 -6.90 -28.02 -0.28
N ALA B 332 -6.08 -26.94 -0.36
CA ALA B 332 -5.46 -26.57 -1.62
C ALA B 332 -4.55 -27.68 -2.14
N LEU B 333 -3.76 -28.28 -1.23
CA LEU B 333 -2.84 -29.35 -1.65
C LEU B 333 -3.59 -30.55 -2.16
N GLU B 334 -4.74 -30.89 -1.56
CA GLU B 334 -5.53 -32.01 -2.07
C GLU B 334 -6.07 -31.73 -3.48
N ALA B 335 -6.53 -30.49 -3.73
CA ALA B 335 -7.04 -30.11 -5.03
C ALA B 335 -5.92 -30.14 -6.07
N PHE B 336 -4.72 -29.74 -5.69
CA PHE B 336 -3.56 -29.74 -6.57
C PHE B 336 -3.31 -31.17 -7.06
N LYS B 337 -3.21 -32.09 -6.10
CA LYS B 337 -3.01 -33.50 -6.40
C LYS B 337 -4.13 -34.06 -7.27
N THR B 338 -5.40 -33.77 -6.92
CA THR B 338 -6.54 -34.31 -7.65
C THR B 338 -6.52 -33.84 -9.10
N LEU B 339 -6.17 -32.56 -9.33
CA LEU B 339 -6.21 -32.10 -10.71
C LEU B 339 -5.10 -32.75 -11.52
N CYS B 340 -3.89 -32.91 -10.97
CA CYS B 340 -2.79 -33.57 -11.66
C CYS B 340 -3.22 -34.97 -12.11
N ARG B 341 -3.89 -35.71 -11.20
CA ARG B 341 -4.11 -37.15 -11.37
C ARG B 341 -5.31 -37.41 -12.28
N HIS B 342 -6.32 -36.52 -12.20
CA HIS B 342 -7.57 -36.79 -12.89
C HIS B 342 -7.64 -36.03 -14.19
N GLU B 343 -6.85 -34.97 -14.31
CA GLU B 343 -7.03 -34.18 -15.53
C GLU B 343 -5.70 -33.89 -16.21
N GLY B 344 -4.55 -34.26 -15.62
CA GLY B 344 -3.28 -34.02 -16.30
C GLY B 344 -2.92 -32.53 -16.40
N ILE B 345 -3.45 -31.73 -15.46
CA ILE B 345 -3.16 -30.29 -15.41
C ILE B 345 -2.52 -30.03 -14.05
N ILE B 346 -1.33 -29.41 -14.06
CA ILE B 346 -0.69 -29.04 -12.80
C ILE B 346 -1.10 -27.59 -12.51
N PRO B 347 -1.96 -27.35 -11.51
CA PRO B 347 -2.41 -25.98 -11.26
C PRO B 347 -1.52 -25.25 -10.27
N ALA B 348 -1.42 -23.93 -10.39
CA ALA B 348 -0.81 -23.12 -9.36
C ALA B 348 -1.45 -23.41 -7.99
N LEU B 349 -0.63 -23.39 -6.92
CA LEU B 349 -1.24 -23.53 -5.60
C LEU B 349 -2.22 -22.38 -5.34
N GLU B 350 -2.05 -21.19 -5.93
CA GLU B 350 -3.05 -20.12 -5.76
C GLU B 350 -4.40 -20.57 -6.31
N SER B 351 -4.41 -21.08 -7.55
CA SER B 351 -5.60 -21.51 -8.28
C SER B 351 -6.23 -22.75 -7.60
N SER B 352 -5.37 -23.53 -6.95
CA SER B 352 -5.80 -24.76 -6.27
C SER B 352 -6.77 -24.41 -5.15
N HIS B 353 -6.69 -23.18 -4.60
CA HIS B 353 -7.63 -22.79 -3.56
C HIS B 353 -9.01 -22.64 -4.18
N ALA B 354 -9.09 -22.03 -5.36
CA ALA B 354 -10.38 -21.92 -6.06
C ALA B 354 -10.93 -23.29 -6.42
N LEU B 355 -10.10 -24.14 -7.04
CA LEU B 355 -10.52 -25.51 -7.32
C LEU B 355 -10.99 -26.25 -6.07
N ALA B 356 -10.21 -26.17 -4.97
CA ALA B 356 -10.63 -26.85 -3.75
C ALA B 356 -12.05 -26.47 -3.34
N HIS B 357 -12.39 -25.17 -3.46
CA HIS B 357 -13.72 -24.78 -3.02
C HIS B 357 -14.79 -25.35 -3.97
N ALA B 358 -14.49 -25.38 -5.28
CA ALA B 358 -15.44 -25.96 -6.24
C ALA B 358 -15.61 -27.45 -5.93
N LEU B 359 -14.53 -28.13 -5.59
CA LEU B 359 -14.63 -29.56 -5.24
C LEU B 359 -15.52 -29.76 -4.01
N LYS B 360 -15.38 -28.84 -3.03
N LYS B 360 -15.43 -28.86 -3.00
CA LYS B 360 -16.19 -28.87 -1.82
CA LYS B 360 -16.28 -28.97 -1.82
C LYS B 360 -17.66 -28.67 -2.18
C LYS B 360 -17.74 -28.71 -2.22
N MET B 361 -17.97 -27.70 -3.06
CA MET B 361 -19.34 -27.47 -3.54
C MET B 361 -19.95 -28.75 -4.14
N MET B 362 -19.18 -29.43 -4.98
CA MET B 362 -19.59 -30.69 -5.56
C MET B 362 -19.76 -31.77 -4.47
N ARG B 363 -18.72 -31.96 -3.64
CA ARG B 363 -18.71 -33.14 -2.79
C ARG B 363 -19.75 -33.03 -1.68
N GLU B 364 -19.99 -31.81 -1.20
CA GLU B 364 -20.93 -31.60 -0.09
C GLU B 364 -22.36 -31.91 -0.53
N GLN B 365 -22.64 -31.69 -1.81
CA GLN B 365 -23.99 -31.78 -2.36
C GLN B 365 -23.92 -32.41 -3.76
N PRO B 366 -23.57 -33.72 -3.82
CA PRO B 366 -23.27 -34.36 -5.08
C PRO B 366 -24.44 -34.54 -6.04
N GLU B 367 -25.68 -34.43 -5.54
N GLU B 367 -25.67 -34.41 -5.54
CA GLU B 367 -26.83 -34.53 -6.42
CA GLU B 367 -26.85 -34.52 -6.39
C GLU B 367 -27.44 -33.16 -6.69
C GLU B 367 -27.40 -33.15 -6.76
N LYS B 368 -26.72 -32.08 -6.36
CA LYS B 368 -27.14 -30.73 -6.75
C LYS B 368 -26.66 -30.49 -8.17
N GLU B 369 -27.59 -30.12 -9.05
CA GLU B 369 -27.22 -29.77 -10.41
C GLU B 369 -26.52 -28.41 -10.40
N GLN B 370 -25.27 -28.35 -10.86
CA GLN B 370 -24.65 -27.04 -10.87
C GLN B 370 -23.58 -26.95 -11.95
N LEU B 371 -23.54 -25.79 -12.60
CA LEU B 371 -22.58 -25.50 -13.66
C LEU B 371 -21.60 -24.45 -13.15
N LEU B 372 -20.35 -24.89 -12.90
CA LEU B 372 -19.38 -24.06 -12.22
C LEU B 372 -18.19 -23.79 -13.13
N VAL B 373 -17.62 -22.58 -13.02
CA VAL B 373 -16.37 -22.27 -13.69
C VAL B 373 -15.36 -21.86 -12.62
N VAL B 374 -14.20 -22.52 -12.63
CA VAL B 374 -13.10 -22.10 -11.78
C VAL B 374 -12.11 -21.33 -12.64
N ASN B 375 -11.70 -20.14 -12.19
CA ASN B 375 -10.62 -19.44 -12.87
C ASN B 375 -9.29 -20.11 -12.57
N LEU B 376 -8.70 -20.84 -13.53
CA LEU B 376 -7.43 -21.46 -13.18
C LEU B 376 -6.36 -20.44 -13.50
N SER B 377 -6.07 -19.64 -12.46
CA SER B 377 -5.30 -18.41 -12.67
C SER B 377 -3.87 -18.71 -13.10
N GLY B 378 -3.33 -19.89 -12.80
CA GLY B 378 -1.94 -20.11 -13.19
C GLY B 378 -1.60 -21.60 -13.18
N ARG B 379 -0.42 -21.88 -13.76
CA ARG B 379 0.07 -23.24 -13.77
C ARG B 379 0.99 -23.45 -12.57
N GLY B 380 1.17 -24.71 -12.18
CA GLY B 380 1.88 -25.00 -10.94
C GLY B 380 3.20 -25.74 -11.06
N ASP B 381 3.87 -25.66 -12.21
CA ASP B 381 5.26 -26.11 -12.27
C ASP B 381 6.09 -25.45 -11.17
N LYS B 382 5.86 -24.17 -10.90
CA LYS B 382 6.62 -23.40 -9.92
C LYS B 382 6.42 -23.93 -8.49
N ASP B 383 5.38 -24.75 -8.27
CA ASP B 383 5.00 -25.20 -6.95
C ASP B 383 5.50 -26.63 -6.64
N ILE B 384 6.13 -27.31 -7.60
CA ILE B 384 6.36 -28.74 -7.42
C ILE B 384 7.38 -28.96 -6.30
N PHE B 385 8.31 -28.03 -6.11
CA PHE B 385 9.28 -28.19 -5.04
C PHE B 385 8.57 -28.00 -3.70
N THR B 386 7.76 -26.93 -3.60
CA THR B 386 6.94 -26.69 -2.41
C THR B 386 6.12 -27.93 -2.08
N VAL B 387 5.46 -28.50 -3.11
CA VAL B 387 4.57 -29.63 -2.89
C VAL B 387 5.37 -30.88 -2.53
N HIS B 388 6.50 -31.10 -3.22
CA HIS B 388 7.40 -32.20 -2.88
C HIS B 388 7.77 -32.15 -1.40
N ASP B 389 8.12 -30.95 -0.92
CA ASP B 389 8.69 -30.84 0.42
C ASP B 389 7.63 -31.11 1.49
N ILE B 390 6.39 -30.68 1.25
CA ILE B 390 5.31 -30.91 2.20
C ILE B 390 4.95 -32.40 2.23
N LEU B 391 4.87 -33.02 1.06
CA LEU B 391 4.49 -34.43 0.99
C LEU B 391 5.51 -35.29 1.72
N LYS B 392 6.80 -34.96 1.56
CA LYS B 392 7.89 -35.72 2.16
C LYS B 392 7.82 -35.62 3.68
N ALA B 393 7.74 -34.38 4.20
CA ALA B 393 7.62 -34.14 5.63
C ALA B 393 6.45 -34.92 6.21
N ARG B 394 5.32 -34.91 5.49
CA ARG B 394 4.06 -35.50 5.94
C ARG B 394 4.19 -37.02 6.07
N GLY B 395 5.17 -37.61 5.37
CA GLY B 395 5.19 -39.04 5.11
C GLY B 395 4.07 -39.43 4.16
S DMS C . 10.34 36.05 12.06
O DMS C . 10.78 37.38 11.48
C1 DMS C . 11.26 34.82 11.20
C2 DMS C . 8.75 35.70 11.36
S DMS D . -3.77 6.21 20.61
O DMS D . -4.97 5.65 19.92
C1 DMS D . -3.10 4.93 21.63
C2 DMS D . -4.44 7.21 21.91
C1 EDO E . -12.58 2.20 13.04
O1 EDO E . -12.98 3.52 12.76
C2 EDO E . -11.95 1.75 11.82
O2 EDO E . -10.81 1.12 11.94
CS CS F . -5.28 28.75 7.95
CL CL G . 6.56 13.39 6.07
N1 PLP H . -2.98 -16.89 -8.97
C2 PLP H . -1.85 -16.82 -9.65
C2A PLP H . -1.49 -17.95 -10.55
C3 PLP H . -0.98 -15.71 -9.51
O3 PLP H . 0.16 -15.73 -10.25
C4 PLP H . -1.33 -14.67 -8.64
C4A PLP H . -0.44 -13.50 -8.52
C5 PLP H . -2.53 -14.80 -7.91
C6 PLP H . -3.32 -15.89 -8.13
C5A PLP H . -3.02 -13.82 -6.88
O4P PLP H . -3.10 -12.43 -7.30
P PLP H . -4.55 -11.84 -7.62
O1P PLP H . -5.42 -12.04 -6.42
O2P PLP H . -5.06 -12.57 -8.82
O3P PLP H . -4.23 -10.40 -7.84
S DMS I . -4.91 -16.98 -31.45
O DMS I . -3.96 -16.71 -30.23
C1 DMS I . -4.09 -18.22 -32.45
C2 DMS I . -6.26 -17.96 -30.89
S DMS J . -16.80 -8.03 7.94
O DMS J . -16.78 -9.09 6.86
C1 DMS J . -18.14 -6.94 7.52
C2 DMS J . -17.57 -8.78 9.35
S DMS K . -8.10 -5.56 -25.34
O DMS K . -8.62 -6.87 -25.92
C1 DMS K . -9.02 -4.27 -26.13
C2 DMS K . -8.86 -5.44 -23.75
S DMS L . -12.72 -0.03 -24.03
O DMS L . -13.55 0.78 -23.07
C1 DMS L . -13.46 0.16 -25.64
C2 DMS L . -13.19 -1.72 -23.77
S DMS M . -14.82 -16.48 -27.31
O DMS M . -14.08 -15.30 -26.76
C1 DMS M . -13.60 -17.56 -28.02
C2 DMS M . -15.58 -15.92 -28.82
S DMS N . -16.13 8.68 0.67
O DMS N . -16.42 7.29 0.17
C1 DMS N . -16.98 8.83 2.21
C2 DMS N . -17.15 9.77 -0.29
CS CS O . -20.62 -34.82 -13.85
CS CS P . -5.01 -12.00 0.79
CS CS P . -7.44 -11.90 0.43
C1 EDO Q . -8.05 -7.84 12.27
O1 EDO Q . -7.04 -8.69 11.79
C2 EDO Q . -8.76 -8.36 13.47
O2 EDO Q . -10.11 -8.68 13.23
C1 EDO R . -5.99 18.22 -9.36
O1 EDO R . -5.11 18.23 -8.26
C2 EDO R . -7.14 17.32 -9.18
O2 EDO R . -7.65 16.88 -10.42
C1 PEG S . -18.90 5.77 -3.92
O1 PEG S . -18.58 5.91 -2.51
C2 PEG S . -19.83 4.62 -4.20
O2 PEG S . -19.18 3.62 -4.99
C3 PEG S . -19.94 2.40 -5.07
C4 PEG S . -20.03 1.89 -6.49
O4 PEG S . -19.26 0.70 -6.71
CS CS T . 3.84 -12.78 4.98
CS CS U . -5.39 -19.87 -28.15
CS CS V . 5.07 6.96 -26.97
CL CL W . 17.88 -20.72 -9.93
CL CL X . -13.42 3.15 -27.62
CL CL Y . -26.47 -19.05 -8.54
CL CL Z . -23.34 -23.62 -30.12
N TRP AA . 2.95 -12.09 -4.60
CA TRP AA . 2.44 -12.25 -6.02
C TRP AA . 3.51 -11.84 -7.03
O TRP AA . 4.33 -10.99 -6.74
CB TRP AA . 1.13 -11.46 -6.22
CG TRP AA . 1.16 -9.99 -5.91
CD1 TRP AA . 1.90 -9.02 -6.53
CD2 TRP AA . 0.34 -9.31 -4.94
NE1 TRP AA . 1.62 -7.79 -5.97
CE2 TRP AA . 0.69 -7.95 -4.99
CE3 TRP AA . -0.63 -9.74 -4.02
CZ2 TRP AA . 0.11 -6.99 -4.16
CZ3 TRP AA . -1.20 -8.79 -3.21
CH2 TRP AA . -0.85 -7.44 -3.29
OXT TRP AA . 3.57 -12.40 -8.13
#